data_4GKN
#
_entry.id   4GKN
#
_cell.length_a   202.444
_cell.length_b   46.590
_cell.length_c   116.624
_cell.angle_alpha   90.000
_cell.angle_beta   121.530
_cell.angle_gamma   90.000
#
_symmetry.space_group_name_H-M   'C 1 2 1'
#
loop_
_entity.id
_entity.type
_entity.pdbx_description
1 polymer 'MHC class I antigen'
2 polymer Beta-2-microglobulin
3 polymer 'FAT Cognate peptide'
4 non-polymer 'SULFATE ION'
5 water water
#
loop_
_entity_poly.entity_id
_entity_poly.type
_entity_poly.pdbx_seq_one_letter_code
_entity_poly.pdbx_strand_id
1 'polypeptide(L)'
;GSHSMRYFFTSVSRPGRGEPRFIAVGYVDDTQFVRFDSDAASQRMEPRAPWIEQEGPEYWDGETRKVKAHSQTHRVDLGT
LRGYYNQSEAGSHTVQRMYGCDVGSDWRFLRGYHQYAYDGKDYIALKEDLRSWTAADMAAQTTKHKWEAAHVAEQLRAYL
EGTCVEWLRRYLENGKETLQRTDAPKTHMTHHAVSDHEATLRCWALSFYPAEITLTWQRDGEDQTQDTELVETRPAGDGT
FQKWAAVVVPSGQEQRYTCHVQHEGLPKPLTLRWEP
;
A,D
2 'polypeptide(L)'
;MIQRTPKIQVYSRHPAENGKSNFLNCYVSGFHPSDIEVDLLKNGERIEKVEHSDLSFSKDWSFYLLYYTEFTPTEKDEYA
CRVNHVTLSQPKIVKWDRDM
;
B,E
3 'polypeptide(L)' FATGIGIITV C,F
#
# COMPACT_ATOMS: atom_id res chain seq x y z
N GLY A 1 10.78 0.91 0.20
CA GLY A 1 11.57 -0.18 0.84
C GLY A 1 12.87 -0.32 0.10
N SER A 2 13.70 -1.24 0.58
CA SER A 2 14.95 -1.55 -0.10
C SER A 2 14.59 -2.16 -1.45
N HIS A 3 15.59 -2.36 -2.31
CA HIS A 3 15.38 -3.04 -3.58
C HIS A 3 16.66 -3.73 -4.02
N SER A 4 16.54 -4.68 -4.93
CA SER A 4 17.69 -5.45 -5.33
C SER A 4 17.62 -6.07 -6.74
N MET A 5 18.76 -5.97 -7.43
CA MET A 5 18.92 -6.54 -8.74
C MET A 5 19.91 -7.70 -8.56
N ARG A 6 19.62 -8.85 -9.18
CA ARG A 6 20.44 -10.06 -9.11
C ARG A 6 20.51 -10.76 -10.45
N TYR A 7 21.69 -11.31 -10.78
CA TYR A 7 21.83 -12.18 -11.92
C TYR A 7 22.28 -13.57 -11.55
N PHE A 8 21.64 -14.56 -12.16
CA PHE A 8 21.91 -15.95 -11.85
C PHE A 8 22.24 -16.77 -13.08
N PHE A 9 23.46 -17.30 -13.10
CA PHE A 9 23.95 -18.07 -14.23
C PHE A 9 24.21 -19.49 -13.77
N THR A 10 23.95 -20.44 -14.67
CA THR A 10 24.16 -21.82 -14.34
C THR A 10 24.66 -22.50 -15.57
N SER A 11 25.78 -23.21 -15.44
CA SER A 11 26.36 -23.94 -16.53
C SER A 11 26.69 -25.37 -16.20
N VAL A 12 26.16 -26.31 -16.97
CA VAL A 12 26.25 -27.75 -16.69
C VAL A 12 26.97 -28.43 -17.83
N SER A 13 27.99 -29.24 -17.52
CA SER A 13 28.67 -29.98 -18.60
C SER A 13 27.94 -31.26 -18.92
N ARG A 14 28.18 -31.82 -20.10
CA ARG A 14 27.60 -33.12 -20.44
C ARG A 14 28.71 -34.08 -20.85
N PRO A 15 28.54 -35.37 -20.55
CA PRO A 15 29.61 -36.33 -20.82
C PRO A 15 30.17 -36.21 -22.24
N GLY A 16 31.48 -36.17 -22.36
CA GLY A 16 32.15 -36.22 -23.66
C GLY A 16 32.17 -34.92 -24.44
N ARG A 17 32.07 -35.06 -25.76
CA ARG A 17 32.10 -33.93 -26.69
C ARG A 17 30.81 -33.09 -26.69
N GLY A 18 29.85 -33.39 -25.83
CA GLY A 18 28.66 -32.55 -25.74
C GLY A 18 28.98 -31.14 -25.24
N GLU A 19 28.30 -30.16 -25.82
CA GLU A 19 28.31 -28.78 -25.33
C GLU A 19 27.54 -28.62 -24.04
N PRO A 20 28.03 -27.81 -23.13
CA PRO A 20 27.28 -27.58 -21.92
C PRO A 20 25.97 -26.76 -22.07
N ARG A 21 25.20 -26.77 -21.00
CA ARG A 21 23.94 -26.12 -20.90
C ARG A 21 24.20 -24.82 -20.23
N PHE A 22 23.58 -23.74 -20.68
CA PHE A 22 23.78 -22.43 -20.03
C PHE A 22 22.46 -21.70 -19.82
N ILE A 23 22.28 -21.13 -18.64
CA ILE A 23 21.04 -20.45 -18.31
C ILE A 23 21.28 -19.18 -17.52
N ALA A 24 20.73 -18.08 -18.00
CA ALA A 24 20.88 -16.80 -17.34
C ALA A 24 19.50 -16.36 -16.90
N VAL A 25 19.39 -15.84 -15.69
CA VAL A 25 18.16 -15.17 -15.34
C VAL A 25 18.49 -13.96 -14.53
N GLY A 26 17.69 -12.92 -14.72
CA GLY A 26 17.87 -11.65 -14.01
C GLY A 26 16.58 -11.16 -13.36
N TYR A 27 16.71 -10.76 -12.09
CA TYR A 27 15.57 -10.45 -11.23
C TYR A 27 15.61 -9.03 -10.71
N VAL A 28 14.45 -8.43 -10.50
CA VAL A 28 14.38 -7.22 -9.72
C VAL A 28 13.55 -7.59 -8.51
N ASP A 29 14.14 -7.41 -7.34
CA ASP A 29 13.58 -8.01 -6.17
C ASP A 29 13.20 -9.47 -6.53
N ASP A 30 11.92 -9.78 -6.50
CA ASP A 30 11.50 -11.15 -6.71
C ASP A 30 10.90 -11.32 -8.10
N THR A 31 11.24 -10.44 -9.04
CA THR A 31 10.58 -10.47 -10.33
C THR A 31 11.56 -10.69 -11.51
N GLN A 32 11.47 -11.86 -12.12
CA GLN A 32 12.23 -12.17 -13.32
C GLN A 32 11.85 -11.30 -14.51
N PHE A 33 12.87 -10.69 -15.13
CA PHE A 33 12.67 -9.85 -16.31
C PHE A 33 13.42 -10.33 -17.53
N VAL A 34 14.53 -11.04 -17.35
CA VAL A 34 15.27 -11.61 -18.48
C VAL A 34 15.68 -13.06 -18.29
N ARG A 35 15.57 -13.84 -19.34
CA ARG A 35 16.21 -15.16 -19.42
C ARG A 35 17.03 -15.32 -20.68
N PHE A 36 18.14 -16.04 -20.55
CA PHE A 36 18.80 -16.66 -21.68
C PHE A 36 18.90 -18.17 -21.39
N ASP A 37 18.99 -18.98 -22.44
CA ASP A 37 18.99 -20.43 -22.27
C ASP A 37 19.47 -21.17 -23.51
N SER A 38 20.54 -21.93 -23.32
CA SER A 38 21.26 -22.56 -24.42
C SER A 38 20.40 -23.57 -25.11
N ASP A 39 19.56 -24.25 -24.35
CA ASP A 39 18.62 -25.26 -24.89
C ASP A 39 17.40 -24.64 -25.61
N ALA A 40 17.21 -23.32 -25.48
CA ALA A 40 16.03 -22.64 -26.00
C ALA A 40 16.23 -22.30 -27.46
N ALA A 41 15.14 -21.86 -28.10
CA ALA A 41 15.03 -21.67 -29.55
C ALA A 41 15.47 -20.28 -30.10
N SER A 42 15.91 -19.36 -29.24
CA SER A 42 16.21 -17.96 -29.67
C SER A 42 17.73 -17.53 -29.67
N GLN A 43 18.51 -18.06 -28.71
CA GLN A 43 19.93 -17.69 -28.43
C GLN A 43 20.13 -16.18 -28.34
N ARG A 44 19.16 -15.54 -27.71
CA ARG A 44 19.19 -14.14 -27.35
C ARG A 44 18.77 -14.01 -25.89
N MET A 45 19.04 -12.84 -25.33
CA MET A 45 18.54 -12.52 -24.01
C MET A 45 17.11 -12.05 -24.27
N GLU A 46 16.13 -12.80 -23.80
CA GLU A 46 14.72 -12.48 -24.07
C GLU A 46 14.06 -11.78 -22.84
N PRO A 47 13.02 -10.95 -23.08
CA PRO A 47 12.38 -10.26 -21.98
C PRO A 47 11.40 -11.15 -21.23
N ARG A 48 11.10 -10.79 -19.97
CA ARG A 48 10.10 -11.51 -19.19
C ARG A 48 9.15 -10.64 -18.39
N ALA A 49 9.50 -9.40 -18.11
CA ALA A 49 8.52 -8.47 -17.57
C ALA A 49 8.18 -7.49 -18.66
N PRO A 50 6.92 -7.03 -18.69
CA PRO A 50 6.48 -6.09 -19.73
C PRO A 50 7.21 -4.74 -19.75
N TRP A 51 7.70 -4.29 -18.60
CA TRP A 51 8.45 -3.02 -18.53
C TRP A 51 9.85 -3.11 -19.15
N ILE A 52 10.37 -4.30 -19.36
CA ILE A 52 11.67 -4.44 -20.02
C ILE A 52 11.56 -4.63 -21.53
N GLU A 53 10.38 -5.00 -22.03
CA GLU A 53 10.12 -5.08 -23.49
C GLU A 53 10.12 -3.68 -24.09
N GLN A 54 10.11 -2.69 -23.19
CA GLN A 54 10.35 -1.26 -23.46
C GLN A 54 11.74 -0.94 -24.04
N GLU A 55 12.72 -1.77 -23.73
CA GLU A 55 14.08 -1.46 -24.13
C GLU A 55 14.34 -1.84 -25.57
N GLY A 56 15.16 -1.01 -26.23
CA GLY A 56 15.33 -1.03 -27.68
C GLY A 56 16.41 -1.99 -28.15
N PRO A 57 16.59 -2.07 -29.49
CA PRO A 57 17.45 -3.09 -30.11
C PRO A 57 18.81 -3.15 -29.48
N GLU A 58 19.37 -1.99 -29.16
CA GLU A 58 20.72 -1.87 -28.68
C GLU A 58 20.85 -2.66 -27.38
N TYR A 59 20.00 -2.30 -26.41
CA TYR A 59 19.93 -2.97 -25.11
C TYR A 59 19.97 -4.48 -25.26
N TRP A 60 19.23 -5.01 -26.23
CA TRP A 60 19.16 -6.45 -26.45
C TRP A 60 20.33 -7.03 -27.23
N ASP A 61 20.95 -6.24 -28.11
CA ASP A 61 22.20 -6.67 -28.77
C ASP A 61 23.32 -6.76 -27.73
N GLY A 62 23.32 -5.84 -26.76
CA GLY A 62 24.37 -5.75 -25.80
C GLY A 62 24.27 -6.82 -24.74
N GLU A 63 23.06 -7.04 -24.23
CA GLU A 63 22.89 -8.00 -23.17
C GLU A 63 23.22 -9.33 -23.75
N THR A 64 22.63 -9.66 -24.88
CA THR A 64 22.99 -10.91 -25.56
C THR A 64 24.53 -11.10 -25.66
N ARG A 65 25.25 -10.02 -25.89
CA ARG A 65 26.69 -10.09 -25.98
C ARG A 65 27.25 -10.43 -24.63
N LYS A 66 26.89 -9.66 -23.63
CA LYS A 66 27.29 -9.97 -22.24
C LYS A 66 26.99 -11.41 -21.85
N VAL A 67 25.80 -11.89 -22.21
CA VAL A 67 25.45 -13.25 -21.80
C VAL A 67 26.33 -14.30 -22.50
N LYS A 68 26.50 -14.17 -23.81
CA LYS A 68 27.34 -15.07 -24.60
C LYS A 68 28.74 -15.05 -24.08
N ALA A 69 29.19 -13.86 -23.69
CA ALA A 69 30.51 -13.69 -23.12
C ALA A 69 30.65 -14.62 -21.91
N HIS A 70 29.80 -14.42 -20.91
CA HIS A 70 29.86 -15.18 -19.66
C HIS A 70 29.87 -16.66 -19.94
N SER A 71 28.95 -17.07 -20.78
CA SER A 71 28.82 -18.45 -21.19
C SER A 71 30.14 -19.02 -21.73
N GLN A 72 30.81 -18.31 -22.62
CA GLN A 72 32.13 -18.69 -23.07
C GLN A 72 33.08 -18.90 -21.88
N THR A 73 33.13 -17.95 -20.98
CA THR A 73 34.03 -18.06 -19.85
C THR A 73 33.60 -19.22 -18.94
N HIS A 74 32.30 -19.45 -18.84
CA HIS A 74 31.86 -20.61 -18.08
C HIS A 74 32.31 -21.93 -18.66
N ARG A 75 32.13 -22.06 -19.96
CA ARG A 75 32.58 -23.26 -20.67
C ARG A 75 34.05 -23.49 -20.49
N VAL A 76 34.86 -22.44 -20.58
CA VAL A 76 36.25 -22.68 -20.26
C VAL A 76 36.38 -23.16 -18.77
N ASP A 77 35.73 -22.49 -17.83
CA ASP A 77 35.91 -22.84 -16.38
C ASP A 77 35.68 -24.32 -16.07
N LEU A 78 34.72 -24.90 -16.81
CA LEU A 78 34.30 -26.23 -16.58
C LEU A 78 35.44 -27.16 -16.93
N GLY A 79 36.13 -26.92 -18.03
CA GLY A 79 37.32 -27.67 -18.37
C GLY A 79 38.42 -27.54 -17.33
N THR A 80 38.61 -26.34 -16.86
CA THR A 80 39.65 -26.07 -15.90
C THR A 80 39.38 -26.81 -14.59
N LEU A 81 38.18 -26.63 -14.03
CA LEU A 81 37.87 -27.17 -12.70
C LEU A 81 37.99 -28.67 -12.71
N ARG A 82 37.62 -29.25 -13.84
CA ARG A 82 37.70 -30.68 -14.04
C ARG A 82 39.17 -31.10 -13.82
N GLY A 83 40.11 -30.46 -14.50
CA GLY A 83 41.52 -30.69 -14.22
C GLY A 83 41.79 -30.48 -12.75
N TYR A 84 41.53 -29.29 -12.22
CA TYR A 84 41.88 -28.99 -10.83
C TYR A 84 41.38 -30.06 -9.88
N TYR A 85 40.23 -30.67 -10.17
CA TYR A 85 39.72 -31.70 -9.25
C TYR A 85 40.01 -33.13 -9.62
N ASN A 86 40.71 -33.35 -10.74
CA ASN A 86 41.13 -34.68 -11.16
C ASN A 86 39.94 -35.58 -11.40
N GLN A 87 39.10 -35.20 -12.35
CA GLN A 87 37.81 -35.87 -12.59
C GLN A 87 37.71 -36.37 -14.05
N SER A 88 37.09 -37.52 -14.25
CA SER A 88 36.94 -38.08 -15.60
C SER A 88 36.19 -37.10 -16.45
N GLU A 89 36.05 -37.40 -17.74
CA GLU A 89 35.09 -36.66 -18.59
C GLU A 89 33.70 -37.34 -18.62
N ALA A 90 33.54 -38.46 -17.92
CA ALA A 90 32.25 -39.15 -17.92
C ALA A 90 31.16 -38.25 -17.31
N GLY A 91 31.51 -37.54 -16.22
CA GLY A 91 30.55 -36.85 -15.38
C GLY A 91 30.01 -35.51 -15.85
N SER A 92 28.74 -35.29 -15.62
CA SER A 92 28.19 -33.94 -15.71
C SER A 92 28.54 -33.15 -14.42
N HIS A 93 29.16 -31.98 -14.58
CA HIS A 93 29.38 -31.02 -13.46
C HIS A 93 28.75 -29.66 -13.70
N THR A 94 28.82 -28.80 -12.69
CA THR A 94 27.92 -27.65 -12.55
C THR A 94 28.71 -26.48 -12.06
N VAL A 95 28.37 -25.31 -12.57
CA VAL A 95 29.14 -24.14 -12.24
C VAL A 95 28.14 -23.07 -12.09
N GLN A 96 28.19 -22.36 -10.96
CA GLN A 96 27.09 -21.45 -10.60
C GLN A 96 27.60 -20.12 -10.15
N ARG A 97 27.04 -19.05 -10.70
CA ARG A 97 27.46 -17.67 -10.34
C ARG A 97 26.29 -16.77 -10.06
N MET A 98 26.33 -16.14 -8.89
CA MET A 98 25.36 -15.16 -8.50
C MET A 98 26.08 -13.88 -8.27
N TYR A 99 25.56 -12.78 -8.81
CA TYR A 99 26.05 -11.44 -8.40
C TYR A 99 24.95 -10.38 -8.46
N GLY A 100 25.16 -9.23 -7.82
CA GLY A 100 24.13 -8.22 -7.82
C GLY A 100 24.19 -7.10 -6.79
N CYS A 101 23.06 -6.38 -6.74
CA CYS A 101 22.88 -5.04 -6.11
C CYS A 101 21.84 -4.95 -5.02
N ASP A 102 22.15 -4.30 -3.92
CA ASP A 102 21.13 -3.92 -2.97
C ASP A 102 21.19 -2.41 -2.75
N VAL A 103 20.02 -1.76 -2.76
CA VAL A 103 19.86 -0.34 -2.42
C VAL A 103 18.81 -0.21 -1.34
N GLY A 104 18.93 0.83 -0.53
CA GLY A 104 18.01 1.07 0.57
C GLY A 104 16.84 1.92 0.13
N SER A 105 16.05 2.42 1.09
CA SER A 105 14.78 3.09 0.79
C SER A 105 14.89 4.42 0.02
N ASP A 106 16.11 4.92 -0.12
CA ASP A 106 16.39 6.12 -0.88
C ASP A 106 17.02 5.82 -2.25
N TRP A 107 17.24 4.53 -2.52
CA TRP A 107 17.83 4.04 -3.78
C TRP A 107 19.33 4.39 -3.92
N ARG A 108 19.98 4.54 -2.76
CA ARG A 108 21.41 4.80 -2.64
C ARG A 108 21.96 3.41 -2.46
N PHE A 109 23.22 3.21 -2.81
CA PHE A 109 23.81 1.88 -2.74
C PHE A 109 23.85 1.44 -1.29
N LEU A 110 23.36 0.23 -1.02
CA LEU A 110 23.50 -0.40 0.30
C LEU A 110 24.64 -1.39 0.29
N ARG A 111 24.53 -2.45 -0.53
CA ARG A 111 25.59 -3.45 -0.64
C ARG A 111 25.55 -4.21 -1.95
N GLY A 112 26.59 -5.01 -2.19
CA GLY A 112 26.66 -5.91 -3.35
C GLY A 112 27.46 -7.18 -3.07
N TYR A 113 27.34 -8.17 -3.95
CA TYR A 113 27.94 -9.46 -3.70
C TYR A 113 28.19 -10.10 -5.04
N HIS A 114 29.16 -11.00 -5.05
CA HIS A 114 29.48 -11.85 -6.19
C HIS A 114 29.96 -13.16 -5.62
N GLN A 115 29.37 -14.24 -6.12
CA GLN A 115 29.59 -15.56 -5.55
C GLN A 115 29.57 -16.61 -6.65
N TYR A 116 30.49 -17.57 -6.54
CA TYR A 116 30.69 -18.62 -7.55
C TYR A 116 30.77 -20.01 -6.88
N ALA A 117 30.00 -20.97 -7.38
CA ALA A 117 29.93 -22.31 -6.80
C ALA A 117 30.49 -23.34 -7.76
N TYR A 118 30.98 -24.48 -7.28
CA TYR A 118 31.34 -25.61 -8.17
C TYR A 118 30.83 -26.89 -7.60
N ASP A 119 30.12 -27.65 -8.44
CA ASP A 119 29.30 -28.73 -7.98
C ASP A 119 28.58 -28.48 -6.66
N GLY A 120 27.77 -27.42 -6.56
CA GLY A 120 26.96 -27.14 -5.36
C GLY A 120 27.70 -26.71 -4.09
N LYS A 121 28.97 -26.37 -4.22
CA LYS A 121 29.76 -26.00 -3.07
C LYS A 121 30.31 -24.62 -3.34
N ASP A 122 30.43 -23.81 -2.28
CA ASP A 122 31.18 -22.59 -2.40
C ASP A 122 32.56 -22.95 -2.88
N TYR A 123 33.02 -22.16 -3.85
CA TYR A 123 34.32 -22.29 -4.51
C TYR A 123 35.09 -21.00 -4.26
N ILE A 124 34.54 -19.86 -4.67
CA ILE A 124 35.12 -18.56 -4.35
C ILE A 124 34.07 -17.42 -4.32
N ALA A 125 34.35 -16.39 -3.54
CA ALA A 125 33.37 -15.36 -3.33
C ALA A 125 33.96 -14.04 -2.77
N LEU A 126 33.37 -12.96 -3.23
CA LEU A 126 33.80 -11.64 -2.87
C LEU A 126 33.31 -11.36 -1.47
N LYS A 127 34.21 -10.91 -0.60
CA LYS A 127 33.84 -10.58 0.77
C LYS A 127 32.91 -9.36 0.78
N GLU A 128 32.11 -9.26 1.84
CA GLU A 128 31.11 -8.20 1.97
C GLU A 128 31.64 -6.85 1.52
N ASP A 129 32.88 -6.53 1.92
CA ASP A 129 33.54 -5.22 1.63
C ASP A 129 34.05 -5.01 0.20
N LEU A 130 33.81 -5.98 -0.70
CA LEU A 130 34.06 -5.84 -2.14
C LEU A 130 35.52 -5.52 -2.50
N ARG A 131 36.43 -6.01 -1.67
CA ARG A 131 37.86 -5.83 -1.87
C ARG A 131 38.63 -7.14 -1.79
N SER A 132 38.17 -8.10 -0.98
CA SER A 132 38.91 -9.36 -0.71
C SER A 132 38.10 -10.62 -1.05
N TRP A 133 38.75 -11.78 -1.07
CA TRP A 133 38.12 -13.03 -1.49
C TRP A 133 38.30 -14.12 -0.48
N THR A 134 37.23 -14.91 -0.33
CA THR A 134 37.25 -16.21 0.33
C THR A 134 37.41 -17.31 -0.69
N ALA A 135 38.49 -18.07 -0.61
CA ALA A 135 38.66 -19.30 -1.41
C ALA A 135 38.51 -20.52 -0.55
N ALA A 136 37.43 -21.26 -0.77
CA ALA A 136 37.34 -22.64 -0.29
C ALA A 136 38.44 -23.41 -1.00
N ASP A 137 39.19 -24.26 -0.30
CA ASP A 137 40.14 -25.20 -0.93
C ASP A 137 41.23 -24.55 -1.72
N MET A 138 42.19 -25.33 -2.17
CA MET A 138 43.39 -24.75 -2.68
C MET A 138 43.38 -24.68 -4.18
N ALA A 139 42.30 -25.12 -4.82
CA ALA A 139 42.12 -24.85 -6.23
C ALA A 139 41.51 -23.46 -6.38
N ALA A 140 40.66 -23.08 -5.45
CA ALA A 140 40.18 -21.72 -5.36
C ALA A 140 41.35 -20.77 -5.14
N GLN A 141 42.33 -21.20 -4.34
CA GLN A 141 43.46 -20.33 -4.08
C GLN A 141 44.22 -19.93 -5.34
N THR A 142 44.45 -20.89 -6.23
CA THR A 142 45.02 -20.59 -7.54
C THR A 142 44.20 -19.53 -8.26
N THR A 143 42.87 -19.63 -8.14
CA THR A 143 41.99 -18.67 -8.80
C THR A 143 42.19 -17.30 -8.16
N LYS A 144 42.06 -17.27 -6.84
CA LYS A 144 42.22 -16.05 -6.05
C LYS A 144 43.39 -15.26 -6.55
N HIS A 145 44.50 -15.98 -6.71
CA HIS A 145 45.74 -15.38 -7.15
C HIS A 145 45.59 -14.81 -8.55
N LYS A 146 45.06 -15.62 -9.47
CA LYS A 146 44.87 -15.15 -10.83
C LYS A 146 44.00 -13.89 -10.86
N TRP A 147 42.91 -13.93 -10.09
CA TRP A 147 41.95 -12.83 -10.04
C TRP A 147 42.51 -11.61 -9.31
N GLU A 148 43.50 -11.80 -8.48
CA GLU A 148 44.16 -10.69 -7.83
C GLU A 148 45.10 -10.05 -8.79
N ALA A 149 45.81 -10.86 -9.56
CA ALA A 149 46.67 -10.37 -10.60
C ALA A 149 45.87 -9.53 -11.56
N ALA A 150 44.63 -9.93 -11.87
CA ALA A 150 43.81 -9.19 -12.83
C ALA A 150 42.88 -8.11 -12.22
N HIS A 151 43.09 -7.79 -10.95
CA HIS A 151 42.20 -6.87 -10.24
C HIS A 151 40.74 -7.12 -10.65
N VAL A 152 40.28 -8.31 -10.41
CA VAL A 152 38.88 -8.63 -10.62
C VAL A 152 37.93 -8.01 -9.55
N ALA A 153 38.37 -7.84 -8.30
CA ALA A 153 37.49 -7.33 -7.22
C ALA A 153 37.11 -5.88 -7.52
N GLU A 154 38.11 -5.14 -7.97
CA GLU A 154 37.96 -3.75 -8.31
C GLU A 154 36.96 -3.59 -9.45
N GLN A 155 37.01 -4.49 -10.41
CA GLN A 155 36.22 -4.34 -11.59
C GLN A 155 34.76 -4.59 -11.24
N LEU A 156 34.55 -5.71 -10.57
CA LEU A 156 33.24 -6.06 -10.09
C LEU A 156 32.71 -4.97 -9.19
N ARG A 157 33.52 -4.55 -8.23
CA ARG A 157 33.12 -3.45 -7.41
C ARG A 157 32.74 -2.25 -8.23
N ALA A 158 33.48 -1.91 -9.29
CA ALA A 158 33.13 -0.70 -10.02
C ALA A 158 31.80 -0.82 -10.68
N TYR A 159 31.36 -2.06 -10.87
CA TYR A 159 30.10 -2.33 -11.55
C TYR A 159 29.01 -2.32 -10.53
N LEU A 160 29.28 -3.02 -9.45
CA LEU A 160 28.32 -3.14 -8.37
C LEU A 160 28.00 -1.80 -7.77
N GLU A 161 29.02 -1.00 -7.52
CA GLU A 161 28.85 0.29 -6.91
C GLU A 161 28.32 1.31 -7.91
N GLY A 162 28.39 1.01 -9.21
CA GLY A 162 27.95 1.95 -10.26
C GLY A 162 26.80 1.43 -11.13
N THR A 163 27.08 1.00 -12.36
CA THR A 163 26.00 0.65 -13.34
C THR A 163 24.88 -0.19 -12.79
N CYS A 164 25.20 -1.09 -11.87
CA CYS A 164 24.22 -2.02 -11.30
C CYS A 164 23.17 -1.18 -10.58
N VAL A 165 23.56 -0.40 -9.57
CA VAL A 165 22.58 0.54 -9.01
C VAL A 165 21.99 1.47 -10.08
N GLU A 166 22.81 2.05 -10.97
CA GLU A 166 22.28 2.96 -11.96
C GLU A 166 21.04 2.37 -12.62
N TRP A 167 21.21 1.23 -13.29
CA TRP A 167 20.14 0.56 -14.03
C TRP A 167 18.99 0.04 -13.14
N LEU A 168 19.28 -0.36 -11.91
CA LEU A 168 18.22 -0.81 -11.02
C LEU A 168 17.29 0.36 -10.84
N ARG A 169 17.84 1.49 -10.42
CA ARG A 169 16.98 2.65 -10.25
C ARG A 169 16.32 3.09 -11.57
N ARG A 170 16.86 2.71 -12.72
CA ARG A 170 16.10 2.87 -13.98
C ARG A 170 14.89 1.94 -14.02
N TYR A 171 15.12 0.65 -13.84
CA TYR A 171 14.03 -0.31 -13.90
C TYR A 171 12.97 -0.11 -12.81
N LEU A 172 13.32 0.49 -11.67
CA LEU A 172 12.32 0.84 -10.66
C LEU A 172 11.41 1.92 -11.23
N GLU A 173 12.01 2.88 -11.92
CA GLU A 173 11.26 3.99 -12.48
C GLU A 173 10.42 3.52 -13.69
N ASN A 174 11.03 2.74 -14.55
CA ASN A 174 10.32 2.20 -15.72
C ASN A 174 9.28 1.21 -15.28
N GLY A 175 9.62 0.41 -14.25
CA GLY A 175 8.71 -0.58 -13.67
C GLY A 175 7.72 -0.04 -12.65
N LYS A 176 7.86 1.24 -12.31
CA LYS A 176 7.10 1.93 -11.25
C LYS A 176 5.75 1.29 -10.96
N GLU A 177 4.99 0.92 -11.98
CA GLU A 177 3.70 0.34 -11.69
C GLU A 177 3.89 -0.89 -10.83
N THR A 178 4.46 -1.93 -11.42
CA THR A 178 4.53 -3.25 -10.82
C THR A 178 5.60 -3.46 -9.74
N LEU A 179 6.84 -3.13 -10.04
CA LEU A 179 7.92 -3.40 -9.11
C LEU A 179 7.80 -2.66 -7.78
N GLN A 180 7.05 -1.56 -7.75
CA GLN A 180 7.06 -0.64 -6.62
C GLN A 180 5.78 -0.80 -5.78
N ARG A 181 5.15 -1.95 -5.91
CA ARG A 181 4.01 -2.31 -5.08
C ARG A 181 4.53 -2.93 -3.80
N THR A 182 3.76 -2.82 -2.72
CA THR A 182 3.82 -3.79 -1.63
C THR A 182 2.42 -4.32 -1.35
N ASP A 183 2.27 -5.64 -1.44
CA ASP A 183 0.96 -6.29 -1.34
C ASP A 183 0.83 -7.01 -0.02
N ALA A 184 -0.08 -6.54 0.81
CA ALA A 184 -0.26 -7.10 2.11
C ALA A 184 -0.90 -8.47 1.94
N PRO A 185 -0.53 -9.43 2.81
CA PRO A 185 -1.03 -10.78 2.78
C PRO A 185 -2.48 -10.87 3.20
N LYS A 186 -3.20 -11.82 2.62
CA LYS A 186 -4.61 -11.97 2.88
C LYS A 186 -4.70 -13.26 3.67
N THR A 187 -5.33 -13.19 4.83
CA THR A 187 -5.26 -14.31 5.74
C THR A 187 -6.58 -15.04 5.90
N HIS A 188 -6.44 -16.32 6.22
CA HIS A 188 -7.50 -17.14 6.77
C HIS A 188 -6.85 -18.29 7.53
N MET A 189 -7.70 -19.11 8.13
CA MET A 189 -7.34 -20.01 9.19
C MET A 189 -8.28 -21.18 9.05
N THR A 190 -7.80 -22.36 8.68
CA THR A 190 -8.75 -23.47 8.48
C THR A 190 -8.73 -24.40 9.71
N HIS A 191 -9.85 -25.08 10.00
CA HIS A 191 -9.95 -25.96 11.20
C HIS A 191 -10.55 -27.29 10.87
N HIS A 192 -9.77 -28.35 10.97
CA HIS A 192 -10.28 -29.69 10.74
C HIS A 192 -9.77 -30.67 11.77
N ALA A 193 -10.69 -31.41 12.39
CA ALA A 193 -10.35 -32.39 13.40
C ALA A 193 -9.63 -33.56 12.73
N VAL A 194 -8.67 -34.14 13.46
CA VAL A 194 -7.87 -35.26 12.98
C VAL A 194 -8.09 -36.51 13.79
N SER A 195 -8.87 -36.37 14.87
CA SER A 195 -9.22 -37.46 15.78
C SER A 195 -10.30 -36.95 16.67
N ASP A 196 -10.77 -37.77 17.59
CA ASP A 196 -11.76 -37.31 18.54
C ASP A 196 -11.13 -36.40 19.61
N HIS A 197 -9.81 -36.25 19.59
CA HIS A 197 -9.11 -35.51 20.66
C HIS A 197 -8.08 -34.51 20.15
N GLU A 198 -8.19 -34.14 18.90
CA GLU A 198 -7.23 -33.27 18.28
C GLU A 198 -7.81 -32.66 17.04
N ALA A 199 -7.31 -31.49 16.68
CA ALA A 199 -7.76 -30.76 15.48
C ALA A 199 -6.59 -30.03 14.91
N THR A 200 -6.57 -29.87 13.59
CA THR A 200 -5.52 -29.11 12.96
C THR A 200 -6.01 -27.71 12.74
N LEU A 201 -5.14 -26.74 13.07
CA LEU A 201 -5.35 -25.34 12.68
C LEU A 201 -4.32 -24.97 11.63
N ARG A 202 -4.76 -24.35 10.55
CA ARG A 202 -3.83 -23.85 9.54
C ARG A 202 -4.01 -22.35 9.30
N CYS A 203 -2.89 -21.64 9.30
CA CYS A 203 -2.81 -20.19 9.19
C CYS A 203 -2.26 -19.95 7.80
N TRP A 204 -2.99 -19.20 6.99
CA TRP A 204 -2.61 -18.96 5.63
C TRP A 204 -2.29 -17.50 5.39
N ALA A 205 -1.17 -17.28 4.70
CA ALA A 205 -0.84 -16.02 4.07
C ALA A 205 -0.92 -16.21 2.58
N LEU A 206 -1.78 -15.43 1.93
CA LEU A 206 -1.90 -15.41 0.46
C LEU A 206 -1.76 -14.04 -0.22
N SER A 207 -1.32 -14.09 -1.47
CA SER A 207 -1.27 -12.94 -2.37
C SER A 207 -0.46 -11.83 -1.84
N PHE A 208 0.71 -12.14 -1.29
CA PHE A 208 1.64 -11.12 -0.83
C PHE A 208 2.88 -11.00 -1.72
N TYR A 209 3.47 -9.80 -1.74
CA TYR A 209 4.73 -9.43 -2.39
C TYR A 209 5.36 -8.36 -1.50
N PRO A 210 6.70 -8.35 -1.37
CA PRO A 210 7.65 -9.34 -1.87
C PRO A 210 7.58 -10.54 -0.97
N ALA A 211 8.47 -11.52 -1.18
CA ALA A 211 8.38 -12.84 -0.55
C ALA A 211 8.57 -12.87 0.98
N GLU A 212 9.52 -12.08 1.48
CA GLU A 212 9.95 -12.21 2.87
C GLU A 212 8.71 -12.02 3.75
N ILE A 213 8.55 -12.93 4.71
CA ILE A 213 7.33 -13.03 5.50
C ILE A 213 7.61 -13.88 6.75
N THR A 214 6.79 -13.77 7.80
CA THR A 214 7.01 -14.54 9.03
C THR A 214 5.71 -14.93 9.73
N LEU A 215 5.20 -16.10 9.40
CA LEU A 215 4.16 -16.72 10.20
C LEU A 215 4.80 -17.51 11.33
N THR A 216 4.24 -17.36 12.54
CA THR A 216 4.49 -18.31 13.64
C THR A 216 3.27 -18.49 14.54
N TRP A 217 3.35 -19.50 15.42
CA TRP A 217 2.21 -20.00 16.22
C TRP A 217 2.59 -20.07 17.67
N GLN A 218 1.76 -19.50 18.54
CA GLN A 218 1.97 -19.67 19.97
C GLN A 218 0.75 -20.21 20.73
N ARG A 219 1.04 -20.96 21.79
CA ARG A 219 0.01 -21.52 22.65
C ARG A 219 -0.45 -20.43 23.57
N ASP A 220 -0.34 -20.58 24.89
CA ASP A 220 -0.88 -19.56 25.76
C ASP A 220 -0.31 -18.25 25.28
N GLY A 221 0.80 -17.82 25.85
CA GLY A 221 1.44 -16.61 25.41
C GLY A 221 2.57 -16.85 24.44
N GLU A 222 3.62 -17.48 24.95
CA GLU A 222 4.82 -17.76 24.18
C GLU A 222 4.61 -18.99 23.30
N ASP A 223 5.61 -19.20 22.45
CA ASP A 223 5.42 -19.97 21.22
C ASP A 223 5.75 -21.46 21.28
N GLN A 224 4.75 -22.19 20.79
CA GLN A 224 4.94 -23.42 20.06
C GLN A 224 5.93 -23.20 18.94
N THR A 225 6.47 -24.31 18.47
CA THR A 225 7.61 -24.35 17.56
C THR A 225 8.11 -25.75 17.82
N GLN A 226 8.66 -26.40 16.81
CA GLN A 226 8.82 -27.84 16.88
C GLN A 226 7.49 -28.49 16.51
N ASP A 227 6.42 -28.05 17.20
CA ASP A 227 5.09 -28.63 17.08
C ASP A 227 4.29 -28.14 15.87
N THR A 228 4.93 -27.37 15.00
CA THR A 228 4.21 -26.71 13.93
C THR A 228 4.79 -27.06 12.56
N GLU A 229 4.00 -27.68 11.67
CA GLU A 229 4.39 -27.69 10.27
C GLU A 229 4.31 -26.29 9.67
N LEU A 230 5.23 -26.02 8.76
CA LEU A 230 5.40 -24.74 8.09
C LEU A 230 6.05 -24.97 6.71
N VAL A 231 5.28 -24.83 5.64
CA VAL A 231 5.78 -24.98 4.28
C VAL A 231 6.67 -23.80 3.92
N GLU A 232 7.69 -24.05 3.16
CA GLU A 232 8.55 -22.96 2.76
C GLU A 232 7.73 -22.03 1.91
N THR A 233 7.97 -20.73 2.03
CA THR A 233 7.28 -19.75 1.20
C THR A 233 7.35 -20.16 -0.28
N ARG A 234 6.25 -20.01 -1.02
CA ARG A 234 6.24 -20.42 -2.42
C ARG A 234 5.54 -19.44 -3.35
N PRO A 235 5.91 -19.49 -4.63
CA PRO A 235 5.32 -18.67 -5.66
C PRO A 235 3.96 -19.18 -6.11
N ALA A 236 2.98 -18.28 -6.27
CA ALA A 236 1.70 -18.63 -6.86
C ALA A 236 1.69 -18.56 -8.40
N GLY A 237 2.62 -17.82 -8.98
CA GLY A 237 2.73 -17.75 -10.45
C GLY A 237 2.14 -16.51 -11.08
N ASP A 238 1.52 -15.65 -10.26
CA ASP A 238 1.00 -14.35 -10.70
C ASP A 238 1.78 -13.28 -9.95
N GLY A 239 3.06 -13.53 -9.71
CA GLY A 239 3.96 -12.58 -9.07
C GLY A 239 3.68 -12.32 -7.60
N THR A 240 2.93 -13.20 -6.94
CA THR A 240 2.66 -13.06 -5.50
C THR A 240 3.12 -14.36 -4.81
N PHE A 241 3.03 -14.40 -3.47
CA PHE A 241 3.58 -15.55 -2.71
C PHE A 241 2.63 -16.10 -1.66
N GLN A 242 2.86 -17.37 -1.27
CA GLN A 242 1.97 -18.03 -0.30
C GLN A 242 2.79 -18.67 0.74
N LYS A 243 2.15 -18.96 1.86
CA LYS A 243 2.77 -19.75 2.93
C LYS A 243 1.65 -20.07 3.91
N TRP A 244 1.77 -21.18 4.62
CA TRP A 244 0.92 -21.50 5.75
C TRP A 244 1.65 -22.13 6.92
N ALA A 245 1.02 -22.10 8.11
CA ALA A 245 1.63 -22.68 9.32
C ALA A 245 0.57 -23.45 10.02
N ALA A 246 0.96 -24.59 10.57
CA ALA A 246 0.01 -25.54 11.10
C ALA A 246 0.47 -26.22 12.39
N VAL A 247 -0.43 -26.31 13.34
CA VAL A 247 -0.20 -27.07 14.51
C VAL A 247 -1.42 -27.85 14.81
N VAL A 248 -1.21 -29.09 15.24
CA VAL A 248 -2.29 -29.90 15.77
C VAL A 248 -2.51 -29.53 17.26
N VAL A 249 -3.77 -29.36 17.64
CA VAL A 249 -4.11 -28.86 18.96
C VAL A 249 -5.10 -29.76 19.66
N PRO A 250 -5.03 -29.80 21.01
CA PRO A 250 -6.06 -30.56 21.70
C PRO A 250 -7.43 -29.99 21.42
N SER A 251 -8.29 -30.82 20.85
CA SER A 251 -9.63 -30.41 20.51
C SER A 251 -10.22 -29.66 21.67
N GLY A 252 -11.14 -28.75 21.39
CA GLY A 252 -11.79 -27.96 22.44
C GLY A 252 -10.90 -26.93 23.13
N GLN A 253 -9.60 -26.94 22.89
CA GLN A 253 -8.71 -25.94 23.44
C GLN A 253 -8.15 -25.01 22.37
N GLU A 254 -8.81 -24.93 21.23
CA GLU A 254 -8.27 -24.18 20.10
C GLU A 254 -8.25 -22.66 20.29
N GLN A 255 -8.87 -22.16 21.35
CA GLN A 255 -8.84 -20.71 21.67
C GLN A 255 -7.85 -20.40 22.80
N ARG A 256 -6.72 -21.11 22.74
CA ARG A 256 -5.49 -20.82 23.45
C ARG A 256 -4.46 -20.39 22.41
N TYR A 257 -4.50 -21.07 21.27
CA TYR A 257 -3.56 -20.88 20.17
C TYR A 257 -3.90 -19.65 19.35
N THR A 258 -2.86 -18.97 18.90
CA THR A 258 -2.96 -17.69 18.27
C THR A 258 -1.88 -17.68 17.22
N CYS A 259 -2.01 -16.90 16.15
CA CYS A 259 -1.07 -16.97 15.02
C CYS A 259 -0.63 -15.60 14.54
N HIS A 260 0.68 -15.44 14.35
CA HIS A 260 1.31 -14.14 14.12
C HIS A 260 1.86 -13.95 12.71
N VAL A 261 1.55 -12.79 12.11
CA VAL A 261 1.97 -12.49 10.74
C VAL A 261 2.72 -11.18 10.75
N GLN A 262 3.85 -11.18 10.04
CA GLN A 262 4.76 -10.05 9.99
C GLN A 262 5.19 -9.94 8.54
N HIS A 263 5.22 -8.72 8.03
CA HIS A 263 5.41 -8.47 6.60
C HIS A 263 5.52 -6.95 6.45
N GLU A 264 6.08 -6.46 5.34
CA GLU A 264 6.23 -5.02 5.17
C GLU A 264 4.92 -4.30 4.81
N GLY A 265 4.05 -4.97 4.06
CA GLY A 265 2.75 -4.40 3.70
C GLY A 265 1.83 -4.17 4.89
N LEU A 266 2.08 -4.91 5.98
CA LEU A 266 1.28 -4.80 7.20
C LEU A 266 1.79 -3.73 8.16
N PRO A 267 1.15 -2.57 8.18
CA PRO A 267 1.73 -1.55 9.03
C PRO A 267 1.88 -2.06 10.46
N LYS A 268 0.87 -2.80 10.91
CA LYS A 268 0.72 -3.22 12.31
C LYS A 268 0.54 -4.74 12.23
N PRO A 269 1.37 -5.52 12.95
CA PRO A 269 1.36 -6.99 12.80
C PRO A 269 0.06 -7.71 13.26
N LEU A 270 -0.46 -8.56 12.38
CA LEU A 270 -1.70 -9.30 12.65
C LEU A 270 -1.47 -10.40 13.68
N THR A 271 -2.44 -10.62 14.56
CA THR A 271 -2.51 -11.86 15.28
C THR A 271 -3.89 -12.45 14.96
N LEU A 272 -3.89 -13.64 14.39
CA LEU A 272 -5.12 -14.30 14.01
C LEU A 272 -5.48 -15.40 15.01
N ARG A 273 -6.78 -15.64 15.23
CA ARG A 273 -7.30 -16.69 16.13
C ARG A 273 -8.50 -17.43 15.48
N TRP A 274 -8.75 -18.70 15.85
CA TRP A 274 -9.82 -19.50 15.22
C TRP A 274 -11.15 -18.73 15.33
N GLU A 275 -11.73 -18.45 14.15
CA GLU A 275 -12.69 -17.35 13.97
C GLU A 275 -14.11 -17.84 13.71
N PRO A 276 -14.60 -18.80 14.52
CA PRO A 276 -15.72 -19.61 14.05
C PRO A 276 -17.05 -18.87 14.02
N MET B 1 30.98 -33.71 -4.35
CA MET B 1 29.81 -33.50 -5.23
C MET B 1 28.55 -33.57 -4.37
N ILE B 2 27.94 -32.43 -4.10
CA ILE B 2 26.76 -32.39 -3.29
C ILE B 2 25.57 -32.80 -4.15
N GLN B 3 24.66 -33.61 -3.60
CA GLN B 3 23.35 -33.82 -4.24
C GLN B 3 22.28 -33.64 -3.20
N ARG B 4 21.18 -33.01 -3.58
CA ARG B 4 20.08 -32.77 -2.65
C ARG B 4 18.79 -33.18 -3.28
N THR B 5 17.98 -33.94 -2.54
CA THR B 5 16.68 -34.37 -3.09
C THR B 5 15.74 -33.22 -3.06
N PRO B 6 14.88 -33.18 -4.05
CA PRO B 6 13.91 -32.13 -4.18
C PRO B 6 12.83 -32.15 -3.13
N LYS B 7 12.55 -30.96 -2.63
CA LYS B 7 11.38 -30.69 -1.83
C LYS B 7 10.29 -30.50 -2.85
N ILE B 8 9.05 -30.88 -2.57
CA ILE B 8 7.95 -30.66 -3.50
C ILE B 8 6.66 -30.17 -2.86
N GLN B 9 5.99 -29.26 -3.53
CA GLN B 9 4.70 -28.79 -3.16
C GLN B 9 3.82 -28.68 -4.35
N VAL B 10 2.55 -29.04 -4.15
CA VAL B 10 1.55 -29.02 -5.20
C VAL B 10 0.35 -28.25 -4.63
N TYR B 11 -0.17 -27.31 -5.41
CA TYR B 11 -1.15 -26.34 -4.91
C TYR B 11 -1.61 -25.51 -6.08
N SER B 12 -2.57 -24.64 -5.80
CA SER B 12 -3.25 -23.84 -6.81
C SER B 12 -2.90 -22.40 -6.51
N ARG B 13 -3.11 -21.55 -7.50
CA ARG B 13 -2.68 -20.17 -7.44
C ARG B 13 -3.75 -19.33 -6.74
N HIS B 14 -4.98 -19.79 -6.88
CA HIS B 14 -6.08 -19.20 -6.18
C HIS B 14 -6.71 -20.31 -5.35
N PRO B 15 -7.29 -19.95 -4.20
CA PRO B 15 -8.07 -20.93 -3.42
C PRO B 15 -9.08 -21.67 -4.28
N ALA B 16 -9.07 -22.99 -4.19
CA ALA B 16 -9.89 -23.82 -5.04
C ALA B 16 -11.36 -23.52 -4.78
N GLU B 17 -12.07 -23.11 -5.82
CA GLU B 17 -13.51 -22.89 -5.71
C GLU B 17 -14.29 -23.99 -6.33
N ASN B 18 -13.77 -24.70 -7.33
CA ASN B 18 -14.41 -25.97 -7.68
C ASN B 18 -15.49 -25.78 -8.73
N GLY B 19 -15.19 -26.18 -9.96
CA GLY B 19 -16.08 -25.88 -11.08
C GLY B 19 -15.68 -24.56 -11.71
N LYS B 20 -14.72 -23.88 -11.09
CA LYS B 20 -14.21 -22.61 -11.58
C LYS B 20 -12.74 -22.82 -11.92
N SER B 21 -12.28 -22.16 -12.98
CA SER B 21 -11.01 -22.50 -13.58
C SER B 21 -9.90 -21.77 -12.87
N ASN B 22 -8.73 -22.41 -12.84
CA ASN B 22 -7.66 -22.06 -11.91
C ASN B 22 -6.33 -22.66 -12.44
N PHE B 23 -5.23 -22.47 -11.70
CA PHE B 23 -3.94 -22.99 -12.10
C PHE B 23 -3.35 -23.92 -11.05
N LEU B 24 -3.00 -25.11 -11.49
CA LEU B 24 -2.32 -26.04 -10.63
C LEU B 24 -0.83 -25.77 -10.77
N ASN B 25 -0.08 -26.03 -9.69
CA ASN B 25 1.26 -25.56 -9.47
C ASN B 25 2.08 -26.66 -8.84
N CYS B 26 3.23 -26.98 -9.41
CA CYS B 26 4.09 -27.93 -8.75
C CYS B 26 5.39 -27.24 -8.57
N TYR B 27 5.84 -27.05 -7.33
CA TYR B 27 7.00 -26.25 -7.04
C TYR B 27 8.04 -27.11 -6.37
N VAL B 28 9.09 -27.39 -7.15
CA VAL B 28 10.23 -28.15 -6.64
C VAL B 28 11.34 -27.19 -6.24
N SER B 29 12.01 -27.47 -5.14
CA SER B 29 13.17 -26.66 -4.69
C SER B 29 14.18 -27.47 -3.83
N GLY B 30 15.28 -26.84 -3.48
CA GLY B 30 16.26 -27.48 -2.67
C GLY B 30 17.03 -28.61 -3.34
N PHE B 31 17.06 -28.69 -4.68
CA PHE B 31 17.75 -29.82 -5.29
C PHE B 31 19.02 -29.48 -6.03
N HIS B 32 19.84 -30.52 -6.18
CA HIS B 32 21.07 -30.44 -6.88
C HIS B 32 21.48 -31.90 -7.16
N PRO B 33 21.91 -32.22 -8.39
CA PRO B 33 22.11 -31.35 -9.55
C PRO B 33 20.79 -31.07 -10.24
N SER B 34 20.87 -30.22 -11.24
CA SER B 34 19.74 -29.48 -11.77
C SER B 34 18.84 -30.26 -12.66
N ASP B 35 19.27 -31.42 -13.17
CA ASP B 35 18.39 -32.15 -14.09
C ASP B 35 17.31 -32.82 -13.29
N ILE B 36 16.06 -32.44 -13.56
CA ILE B 36 14.90 -32.94 -12.86
C ILE B 36 13.82 -33.17 -13.87
N GLU B 37 12.86 -34.04 -13.58
CA GLU B 37 11.71 -34.21 -14.47
C GLU B 37 10.45 -34.04 -13.65
N VAL B 38 9.43 -33.44 -14.27
CA VAL B 38 8.25 -33.06 -13.52
C VAL B 38 7.02 -33.20 -14.38
N ASP B 39 6.10 -34.08 -13.99
CA ASP B 39 4.78 -34.10 -14.62
C ASP B 39 3.70 -33.70 -13.64
N LEU B 40 2.65 -33.10 -14.19
CA LEU B 40 1.42 -32.87 -13.46
C LEU B 40 0.39 -33.87 -13.95
N LEU B 41 -0.31 -34.52 -12.99
CA LEU B 41 -1.23 -35.61 -13.27
C LEU B 41 -2.63 -35.28 -12.82
N LYS B 42 -3.60 -35.84 -13.54
CA LYS B 42 -5.02 -35.76 -13.23
C LYS B 42 -5.48 -37.20 -13.35
N ASN B 43 -6.09 -37.76 -12.31
CA ASN B 43 -6.50 -39.15 -12.27
C ASN B 43 -5.46 -40.10 -12.90
N GLY B 44 -4.19 -39.86 -12.59
CA GLY B 44 -3.09 -40.73 -13.01
C GLY B 44 -2.45 -40.27 -14.29
N GLU B 45 -3.28 -39.83 -15.23
CA GLU B 45 -2.86 -39.48 -16.57
C GLU B 45 -2.14 -38.11 -16.58
N ARG B 46 -1.16 -37.88 -17.46
CA ARG B 46 -0.47 -36.58 -17.47
C ARG B 46 -1.15 -35.45 -18.31
N ILE B 47 -1.05 -34.21 -17.85
CA ILE B 47 -1.79 -33.06 -18.40
C ILE B 47 -1.09 -32.37 -19.62
N GLU B 48 -1.85 -31.73 -20.51
CA GLU B 48 -1.35 -31.47 -21.85
C GLU B 48 -0.53 -30.16 -22.12
N LYS B 49 -0.76 -29.07 -21.39
CA LYS B 49 0.01 -27.84 -21.69
C LYS B 49 0.64 -27.28 -20.44
N VAL B 50 1.66 -27.97 -19.95
CA VAL B 50 2.36 -27.55 -18.75
C VAL B 50 3.58 -26.68 -19.07
N GLU B 51 3.71 -25.60 -18.32
CA GLU B 51 4.76 -24.61 -18.48
C GLU B 51 5.56 -24.44 -17.20
N HIS B 52 6.85 -24.13 -17.36
CA HIS B 52 7.68 -23.94 -16.20
C HIS B 52 8.46 -22.67 -16.25
N SER B 53 8.90 -22.25 -15.10
CA SER B 53 9.68 -21.06 -14.95
C SER B 53 11.10 -21.39 -15.43
N ASP B 54 11.92 -20.37 -15.55
CA ASP B 54 13.30 -20.59 -15.85
C ASP B 54 14.08 -21.03 -14.60
N LEU B 55 15.11 -21.84 -14.81
CA LEU B 55 15.84 -22.47 -13.71
C LEU B 55 16.64 -21.42 -12.98
N SER B 56 16.51 -21.40 -11.66
CA SER B 56 17.29 -20.49 -10.83
C SER B 56 17.74 -21.27 -9.63
N PHE B 57 18.42 -20.62 -8.70
CA PHE B 57 18.80 -21.29 -7.46
C PHE B 57 18.78 -20.40 -6.25
N SER B 58 18.87 -21.04 -5.10
CA SER B 58 18.85 -20.31 -3.85
C SER B 58 20.21 -19.97 -3.26
N LYS B 59 20.15 -19.35 -2.09
CA LYS B 59 21.33 -18.75 -1.46
C LYS B 59 22.35 -19.82 -1.16
N ASP B 60 21.89 -21.04 -0.93
CA ASP B 60 22.76 -22.17 -0.70
C ASP B 60 23.02 -22.97 -1.97
N TRP B 61 22.75 -22.35 -3.11
CA TRP B 61 23.03 -22.92 -4.41
C TRP B 61 22.06 -23.99 -4.88
N SER B 62 21.10 -24.36 -4.09
CA SER B 62 20.09 -25.34 -4.55
C SER B 62 19.14 -24.76 -5.56
N PHE B 63 18.66 -25.61 -6.44
CA PHE B 63 17.81 -25.11 -7.53
C PHE B 63 16.35 -25.02 -7.17
N TYR B 64 15.64 -24.14 -7.85
CA TYR B 64 14.19 -24.15 -7.81
C TYR B 64 13.48 -23.87 -9.15
N LEU B 65 12.33 -24.51 -9.27
CA LEU B 65 11.53 -24.45 -10.47
C LEU B 65 10.09 -24.44 -10.01
N LEU B 66 9.24 -23.69 -10.70
CA LEU B 66 7.80 -23.86 -10.58
C LEU B 66 7.24 -24.47 -11.86
N TYR B 67 6.29 -25.39 -11.75
CA TYR B 67 5.62 -25.96 -12.90
C TYR B 67 4.16 -25.70 -12.80
N TYR B 68 3.53 -25.19 -13.83
CA TYR B 68 2.12 -24.83 -13.72
C TYR B 68 1.33 -25.09 -15.00
N THR B 69 0.07 -25.39 -14.82
CA THR B 69 -0.86 -25.45 -15.92
C THR B 69 -2.24 -25.11 -15.39
N GLU B 70 -3.20 -25.00 -16.32
CA GLU B 70 -4.53 -24.57 -16.00
C GLU B 70 -5.43 -25.77 -15.81
N PHE B 71 -6.30 -25.65 -14.83
CA PHE B 71 -7.19 -26.72 -14.41
C PHE B 71 -8.40 -26.09 -13.69
N THR B 72 -9.53 -26.81 -13.76
CA THR B 72 -10.76 -26.47 -13.02
C THR B 72 -10.96 -27.62 -12.05
N PRO B 73 -10.68 -27.39 -10.75
CA PRO B 73 -10.88 -28.51 -9.80
C PRO B 73 -12.35 -28.96 -9.61
N THR B 74 -12.53 -30.17 -9.13
CA THR B 74 -13.85 -30.69 -8.79
C THR B 74 -13.81 -31.47 -7.49
N GLU B 75 -14.96 -31.75 -6.90
CA GLU B 75 -15.02 -32.57 -5.70
C GLU B 75 -14.08 -33.74 -5.80
N LYS B 76 -14.18 -34.52 -6.89
CA LYS B 76 -13.55 -35.84 -6.94
C LYS B 76 -12.51 -36.13 -8.03
N ASP B 77 -12.13 -35.19 -8.88
CA ASP B 77 -11.03 -35.49 -9.79
C ASP B 77 -9.77 -35.33 -8.93
N GLU B 78 -8.74 -36.16 -9.15
CA GLU B 78 -7.52 -36.16 -8.32
C GLU B 78 -6.35 -35.56 -9.05
N TYR B 79 -5.60 -34.68 -8.39
CA TYR B 79 -4.46 -34.05 -9.03
C TYR B 79 -3.21 -34.39 -8.27
N ALA B 80 -2.07 -34.22 -8.92
CA ALA B 80 -0.87 -34.73 -8.37
C ALA B 80 0.25 -34.20 -9.16
N CYS B 81 1.40 -34.07 -8.50
CA CYS B 81 2.64 -33.70 -9.13
C CYS B 81 3.52 -34.93 -9.01
N ARG B 82 4.33 -35.25 -10.01
CA ARG B 82 5.24 -36.41 -9.91
C ARG B 82 6.63 -36.04 -10.40
N VAL B 83 7.63 -36.49 -9.67
CA VAL B 83 8.95 -35.90 -9.69
C VAL B 83 10.04 -36.95 -9.66
N ASN B 84 11.01 -36.82 -10.56
CA ASN B 84 12.13 -37.73 -10.65
C ASN B 84 13.47 -37.00 -10.60
N HIS B 85 14.50 -37.65 -10.13
CA HIS B 85 15.77 -36.98 -9.88
C HIS B 85 16.78 -38.06 -9.66
N VAL B 86 18.07 -37.74 -9.78
CA VAL B 86 19.08 -38.78 -9.62
C VAL B 86 19.01 -39.29 -8.20
N THR B 87 18.68 -38.41 -7.26
CA THR B 87 18.62 -38.77 -5.84
C THR B 87 17.40 -39.63 -5.49
N LEU B 88 16.45 -39.78 -6.41
CA LEU B 88 15.27 -40.62 -6.22
C LEU B 88 15.39 -42.00 -6.89
N SER B 89 15.30 -43.07 -6.10
CA SER B 89 15.41 -44.42 -6.65
C SER B 89 14.21 -44.70 -7.58
N GLN B 90 13.06 -44.13 -7.26
CA GLN B 90 11.91 -44.12 -8.15
C GLN B 90 11.15 -42.77 -8.08
N PRO B 91 10.20 -42.57 -8.97
CA PRO B 91 9.59 -41.26 -8.90
C PRO B 91 8.74 -41.08 -7.65
N LYS B 92 8.70 -39.85 -7.19
CA LYS B 92 7.91 -39.44 -6.05
C LYS B 92 6.68 -38.60 -6.47
N ILE B 93 5.50 -39.15 -6.18
CA ILE B 93 4.20 -38.49 -6.39
C ILE B 93 3.64 -37.86 -5.12
N VAL B 94 3.20 -36.62 -5.20
CA VAL B 94 2.68 -35.87 -4.11
C VAL B 94 1.35 -35.38 -4.58
N LYS B 95 0.27 -35.74 -3.86
CA LYS B 95 -1.10 -35.49 -4.27
C LYS B 95 -1.50 -34.10 -3.88
N TRP B 96 -2.42 -33.50 -4.63
CA TRP B 96 -2.89 -32.17 -4.28
C TRP B 96 -4.07 -32.22 -3.27
N ASP B 97 -4.01 -31.29 -2.31
CA ASP B 97 -5.00 -31.06 -1.29
C ASP B 97 -5.33 -29.54 -1.30
N ARG B 98 -6.60 -29.24 -1.39
CA ARG B 98 -7.10 -27.88 -1.55
C ARG B 98 -6.65 -26.94 -0.41
N ASP B 99 -6.54 -27.49 0.80
CA ASP B 99 -6.10 -26.76 2.01
C ASP B 99 -4.69 -27.22 2.42
N MET B 100 -3.83 -27.32 1.42
CA MET B 100 -2.46 -27.63 1.68
C MET B 100 -1.62 -27.27 0.50
N PHE C 1 20.67 -5.08 -16.49
CA PHE C 1 22.01 -4.78 -17.12
C PHE C 1 23.12 -5.61 -16.48
N ALA C 2 23.51 -6.68 -17.16
CA ALA C 2 24.55 -7.56 -16.69
C ALA C 2 25.88 -6.83 -16.60
N THR C 3 26.83 -7.32 -15.82
CA THR C 3 28.14 -6.71 -15.85
C THR C 3 28.89 -7.16 -17.07
N GLY C 4 29.65 -6.23 -17.65
CA GLY C 4 30.55 -6.47 -18.79
C GLY C 4 32.04 -6.47 -18.42
N ILE C 5 32.32 -6.16 -17.15
CA ILE C 5 33.66 -6.23 -16.64
C ILE C 5 33.59 -7.20 -15.50
N GLY C 6 34.72 -7.85 -15.19
CA GLY C 6 34.86 -8.57 -13.92
C GLY C 6 34.58 -10.05 -14.07
N ILE C 7 34.33 -10.52 -15.29
CA ILE C 7 34.08 -11.95 -15.43
C ILE C 7 35.09 -12.65 -16.32
N ILE C 8 35.85 -13.54 -15.68
CA ILE C 8 37.01 -14.12 -16.33
C ILE C 8 37.48 -15.43 -15.72
N THR C 9 38.03 -16.26 -16.58
CA THR C 9 38.28 -17.62 -16.22
C THR C 9 38.99 -17.79 -14.86
N VAL C 10 38.65 -18.89 -14.22
CA VAL C 10 39.18 -19.30 -12.93
C VAL C 10 40.59 -19.97 -13.03
N GLY D 1 4.62 15.01 -4.03
CA GLY D 1 3.19 15.30 -4.36
C GLY D 1 2.80 16.70 -3.92
N SER D 2 1.74 17.22 -4.53
CA SER D 2 1.21 18.53 -4.16
C SER D 2 0.85 18.57 -2.68
N HIS D 3 1.09 19.71 -2.04
CA HIS D 3 0.64 19.92 -0.69
C HIS D 3 0.12 21.32 -0.51
N SER D 4 -0.45 21.56 0.65
CA SER D 4 -1.14 22.77 0.92
C SER D 4 -1.28 22.94 2.42
N MET D 5 -1.40 24.20 2.83
CA MET D 5 -1.73 24.55 4.20
C MET D 5 -2.91 25.48 4.13
N ARG D 6 -3.84 25.31 5.07
CA ARG D 6 -5.10 26.04 5.12
C ARG D 6 -5.45 26.39 6.58
N TYR D 7 -5.98 27.59 6.86
CA TYR D 7 -6.63 27.84 8.16
C TYR D 7 -8.06 28.18 7.96
N PHE D 8 -8.92 27.63 8.81
CA PHE D 8 -10.33 27.94 8.79
C PHE D 8 -10.82 28.41 10.16
N PHE D 9 -11.38 29.63 10.18
CA PHE D 9 -11.94 30.35 11.33
C PHE D 9 -13.45 30.55 11.24
N THR D 10 -14.15 30.42 12.34
CA THR D 10 -15.57 30.66 12.39
C THR D 10 -15.90 31.47 13.62
N SER D 11 -16.65 32.54 13.42
CA SER D 11 -17.10 33.37 14.48
C SER D 11 -18.59 33.48 14.37
N VAL D 12 -19.27 33.23 15.49
CA VAL D 12 -20.72 33.13 15.55
C VAL D 12 -21.19 34.13 16.59
N SER D 13 -22.00 35.10 16.17
CA SER D 13 -22.54 36.04 17.14
C SER D 13 -23.58 35.29 17.99
N ARG D 14 -24.16 35.95 19.00
CA ARG D 14 -25.27 35.36 19.73
C ARG D 14 -26.29 36.46 20.00
N PRO D 15 -27.54 36.07 20.23
CA PRO D 15 -28.52 37.12 20.09
C PRO D 15 -28.48 38.15 21.19
N GLY D 16 -27.99 37.79 22.38
CA GLY D 16 -28.13 38.69 23.51
C GLY D 16 -27.18 39.88 23.41
N ARG D 17 -26.79 40.39 24.57
CA ARG D 17 -25.40 40.80 24.77
C ARG D 17 -24.69 39.42 24.83
N GLY D 18 -23.47 39.37 25.32
CA GLY D 18 -22.85 38.07 25.44
C GLY D 18 -22.18 37.70 24.15
N GLU D 19 -21.11 36.94 24.32
CA GLU D 19 -20.00 36.98 23.43
C GLU D 19 -20.18 36.17 22.18
N PRO D 20 -19.39 36.47 21.16
CA PRO D 20 -19.36 35.52 20.07
C PRO D 20 -18.44 34.35 20.37
N ARG D 21 -18.55 33.35 19.52
CA ARG D 21 -17.81 32.13 19.66
C ARG D 21 -16.82 32.04 18.52
N PHE D 22 -15.57 31.81 18.84
CA PHE D 22 -14.53 31.69 17.84
C PHE D 22 -13.98 30.27 17.82
N ILE D 23 -13.97 29.68 16.65
CA ILE D 23 -13.27 28.43 16.44
C ILE D 23 -12.30 28.69 15.32
N ALA D 24 -11.12 28.13 15.43
CA ALA D 24 -10.16 28.27 14.40
C ALA D 24 -9.39 26.96 14.28
N VAL D 25 -9.17 26.49 13.07
CA VAL D 25 -8.44 25.24 12.89
C VAL D 25 -7.49 25.34 11.68
N GLY D 26 -6.44 24.53 11.69
CA GLY D 26 -5.40 24.60 10.66
C GLY D 26 -4.98 23.24 10.16
N TYR D 27 -4.72 23.14 8.86
CA TYR D 27 -4.46 21.85 8.19
C TYR D 27 -3.26 21.92 7.26
N VAL D 28 -2.52 20.84 7.23
CA VAL D 28 -1.62 20.58 6.13
C VAL D 28 -2.29 19.49 5.31
N ASP D 29 -2.46 19.75 4.02
CA ASP D 29 -3.21 18.87 3.16
C ASP D 29 -4.52 18.53 3.84
N ASP D 30 -4.84 17.25 3.95
CA ASP D 30 -6.04 16.84 4.63
C ASP D 30 -5.77 16.50 6.11
N THR D 31 -4.73 17.05 6.73
CA THR D 31 -4.34 16.63 8.09
C THR D 31 -4.35 17.75 9.11
N GLN D 32 -5.36 17.77 9.99
CA GLN D 32 -5.49 18.84 10.98
C GLN D 32 -4.42 18.82 12.10
N PHE D 33 -3.76 19.96 12.31
CA PHE D 33 -2.68 20.06 13.31
C PHE D 33 -2.92 21.05 14.47
N VAL D 34 -3.77 22.06 14.28
CA VAL D 34 -4.11 23.02 15.37
C VAL D 34 -5.61 23.35 15.53
N ARG D 35 -6.06 23.50 16.76
CA ARG D 35 -7.37 24.07 17.05
C ARG D 35 -7.29 25.28 18.00
N PHE D 36 -8.21 26.22 17.86
CA PHE D 36 -8.48 27.15 18.93
C PHE D 36 -9.98 27.11 19.16
N ASP D 37 -10.42 27.55 20.33
CA ASP D 37 -11.85 27.57 20.60
C ASP D 37 -12.16 28.39 21.84
N SER D 38 -12.73 29.58 21.61
CA SER D 38 -13.26 30.42 22.70
C SER D 38 -13.89 29.58 23.82
N ASP D 39 -15.01 28.93 23.55
CA ASP D 39 -15.68 28.11 24.58
C ASP D 39 -14.85 26.89 25.05
N ALA D 40 -13.55 26.88 24.76
CA ALA D 40 -12.65 25.83 25.21
C ALA D 40 -12.28 26.05 26.67
N ALA D 41 -11.76 25.01 27.31
CA ALA D 41 -11.27 25.12 28.68
C ALA D 41 -9.84 25.69 28.76
N SER D 42 -9.19 25.94 27.61
CA SER D 42 -7.77 26.30 27.56
C SER D 42 -7.42 27.77 27.23
N GLN D 43 -7.90 28.29 26.10
CA GLN D 43 -7.58 29.67 25.65
C GLN D 43 -6.17 29.75 25.11
N ARG D 44 -5.78 28.71 24.37
CA ARG D 44 -4.48 28.65 23.73
C ARG D 44 -4.67 27.91 22.45
N MET D 45 -3.80 28.18 21.49
CA MET D 45 -3.79 27.42 20.26
C MET D 45 -3.18 26.08 20.63
N GLU D 46 -3.97 25.02 20.57
CA GLU D 46 -3.53 23.68 20.99
C GLU D 46 -3.16 22.82 19.77
N PRO D 47 -2.25 21.84 19.94
CA PRO D 47 -1.85 20.95 18.85
C PRO D 47 -2.87 19.84 18.59
N ARG D 48 -2.89 19.30 17.37
CA ARG D 48 -3.73 18.15 17.02
C ARG D 48 -2.97 17.21 16.10
N ALA D 49 -1.68 17.08 16.38
CA ALA D 49 -0.83 16.28 15.55
C ALA D 49 0.40 16.06 16.38
N PRO D 50 0.94 14.85 16.34
CA PRO D 50 2.14 14.63 17.12
C PRO D 50 3.32 15.38 16.52
N TRP D 51 3.34 15.54 15.20
CA TRP D 51 4.48 16.18 14.53
C TRP D 51 4.64 17.67 14.84
N ILE D 52 3.55 18.36 15.14
CA ILE D 52 3.62 19.74 15.64
C ILE D 52 3.89 19.79 17.14
N GLU D 53 3.45 18.76 17.90
CA GLU D 53 3.57 18.73 19.36
C GLU D 53 4.91 19.26 19.77
N GLN D 54 5.92 19.02 18.93
CA GLN D 54 7.33 19.28 19.24
C GLN D 54 7.82 20.75 19.31
N GLU D 55 6.98 21.73 18.99
CA GLU D 55 7.43 23.13 18.98
C GLU D 55 7.48 23.74 20.40
N GLY D 56 8.44 24.62 20.65
CA GLY D 56 8.61 25.27 21.96
C GLY D 56 7.63 26.42 22.14
N PRO D 57 7.47 26.93 23.38
CA PRO D 57 6.39 27.85 23.74
C PRO D 57 6.34 29.07 22.83
N GLU D 58 7.52 29.59 22.53
CA GLU D 58 7.71 30.73 21.68
C GLU D 58 6.72 30.64 20.51
N TYR D 59 6.82 29.54 19.77
CA TYR D 59 5.90 29.26 18.68
C TYR D 59 4.45 29.34 19.14
N TRP D 60 4.12 28.60 20.19
CA TRP D 60 2.75 28.58 20.71
C TRP D 60 2.29 29.95 21.17
N ASP D 61 3.16 30.70 21.85
CA ASP D 61 2.80 32.07 22.25
C ASP D 61 2.30 32.88 21.01
N GLY D 62 3.00 32.77 19.87
CA GLY D 62 2.77 33.65 18.74
C GLY D 62 1.49 33.32 18.01
N GLU D 63 1.19 32.03 18.05
CA GLU D 63 0.00 31.49 17.47
C GLU D 63 -1.20 31.86 18.30
N THR D 64 -1.11 31.59 19.61
CA THR D 64 -2.12 32.12 20.50
C THR D 64 -2.35 33.58 20.11
N ARG D 65 -1.26 34.34 20.09
CA ARG D 65 -1.32 35.78 19.82
C ARG D 65 -2.10 36.08 18.56
N LYS D 66 -1.74 35.39 17.48
CA LYS D 66 -2.34 35.69 16.18
C LYS D 66 -3.82 35.35 16.12
N VAL D 67 -4.22 34.32 16.83
CA VAL D 67 -5.59 33.85 16.80
C VAL D 67 -6.46 34.71 17.70
N LYS D 68 -5.85 35.30 18.73
CA LYS D 68 -6.55 36.28 19.56
C LYS D 68 -6.74 37.57 18.77
N ALA D 69 -5.72 37.95 18.01
CA ALA D 69 -5.85 39.08 17.08
C ALA D 69 -7.04 38.82 16.20
N HIS D 70 -6.94 37.76 15.42
CA HIS D 70 -7.95 37.41 14.46
C HIS D 70 -9.32 37.48 15.14
N SER D 71 -9.43 36.87 16.31
CA SER D 71 -10.75 36.71 16.92
C SER D 71 -11.36 38.09 17.19
N GLN D 72 -10.51 38.98 17.67
CA GLN D 72 -10.94 40.29 18.02
C GLN D 72 -11.45 41.04 16.81
N THR D 73 -10.90 40.74 15.65
CA THR D 73 -11.23 41.54 14.50
C THR D 73 -12.52 41.01 13.91
N HIS D 74 -12.78 39.70 14.10
CA HIS D 74 -14.11 39.15 13.81
C HIS D 74 -15.15 39.61 14.78
N ARG D 75 -14.83 39.66 16.05
CA ARG D 75 -15.77 40.27 17.01
C ARG D 75 -16.29 41.62 16.50
N VAL D 76 -15.38 42.49 16.06
CA VAL D 76 -15.80 43.73 15.46
C VAL D 76 -16.56 43.50 14.17
N ASP D 77 -16.19 42.52 13.35
CA ASP D 77 -16.88 42.37 12.06
C ASP D 77 -18.36 42.07 12.21
N LEU D 78 -18.66 41.31 13.24
CA LEU D 78 -20.02 40.93 13.46
C LEU D 78 -20.80 42.21 13.72
N GLY D 79 -20.31 43.06 14.60
CA GLY D 79 -20.95 44.34 14.86
C GLY D 79 -21.20 45.13 13.58
N THR D 80 -20.13 45.33 12.82
CA THR D 80 -20.21 46.11 11.63
C THR D 80 -21.21 45.58 10.66
N LEU D 81 -21.15 44.28 10.39
CA LEU D 81 -21.97 43.70 9.33
C LEU D 81 -23.44 43.78 9.70
N ARG D 82 -23.71 43.58 10.97
CA ARG D 82 -25.06 43.59 11.49
C ARG D 82 -25.58 44.98 11.31
N GLY D 83 -24.68 45.94 11.38
CA GLY D 83 -24.97 47.24 10.82
C GLY D 83 -25.30 47.09 9.35
N TYR D 84 -24.30 46.89 8.49
CA TYR D 84 -24.49 47.01 7.03
C TYR D 84 -25.73 46.32 6.47
N TYR D 85 -26.12 45.20 7.07
CA TYR D 85 -27.26 44.44 6.60
C TYR D 85 -28.56 44.75 7.39
N ASN D 86 -28.52 45.74 8.28
CA ASN D 86 -29.71 46.18 9.01
C ASN D 86 -30.33 45.02 9.74
N GLN D 87 -29.59 44.41 10.62
CA GLN D 87 -30.11 43.27 11.28
C GLN D 87 -30.22 43.61 12.74
N SER D 88 -31.25 43.07 13.37
CA SER D 88 -31.50 43.32 14.78
C SER D 88 -30.45 42.63 15.63
N GLU D 89 -30.50 42.89 16.93
CA GLU D 89 -29.55 42.32 17.85
C GLU D 89 -30.08 40.96 18.31
N ALA D 90 -31.27 40.58 17.83
CA ALA D 90 -31.96 39.35 18.25
C ALA D 90 -31.50 38.07 17.52
N GLY D 91 -30.54 38.18 16.61
CA GLY D 91 -30.16 37.05 15.77
C GLY D 91 -28.72 36.63 15.97
N SER D 92 -28.51 35.33 15.85
CA SER D 92 -27.17 34.76 15.77
C SER D 92 -26.74 34.81 14.28
N HIS D 93 -25.50 35.26 13.99
CA HIS D 93 -24.99 35.36 12.60
C HIS D 93 -23.58 34.86 12.57
N THR D 94 -23.04 34.71 11.37
CA THR D 94 -21.82 33.95 11.19
C THR D 94 -20.85 34.56 10.23
N VAL D 95 -19.64 34.78 10.73
CA VAL D 95 -18.52 35.15 9.87
C VAL D 95 -17.60 33.93 9.65
N GLN D 96 -17.21 33.66 8.40
CA GLN D 96 -16.19 32.62 8.18
C GLN D 96 -15.05 33.20 7.32
N ARG D 97 -13.82 32.80 7.64
CA ARG D 97 -12.67 33.14 6.83
C ARG D 97 -11.82 31.90 6.56
N MET D 98 -11.32 31.76 5.34
CA MET D 98 -10.41 30.69 5.01
C MET D 98 -9.26 31.18 4.17
N TYR D 99 -8.06 30.82 4.56
CA TYR D 99 -6.92 31.12 3.73
C TYR D 99 -5.81 30.10 3.84
N GLY D 100 -4.86 30.24 2.94
CA GLY D 100 -3.70 29.40 2.95
C GLY D 100 -3.00 29.27 1.63
N CYS D 101 -2.21 28.21 1.57
CA CYS D 101 -1.18 27.96 0.59
C CYS D 101 -1.56 26.87 -0.33
N ASP D 102 -0.79 26.76 -1.40
CA ASP D 102 -0.69 25.58 -2.22
C ASP D 102 0.74 25.63 -2.79
N VAL D 103 1.52 24.60 -2.50
CA VAL D 103 2.87 24.50 -3.04
C VAL D 103 2.93 23.24 -3.85
N GLY D 104 3.60 23.34 -5.00
CA GLY D 104 3.60 22.25 -5.97
C GLY D 104 4.45 21.06 -5.57
N SER D 105 4.57 20.12 -6.49
CA SER D 105 5.31 18.88 -6.30
C SER D 105 6.81 19.07 -5.95
N ASP D 106 7.39 20.13 -6.53
CA ASP D 106 8.76 20.55 -6.19
C ASP D 106 8.82 21.52 -4.98
N TRP D 107 7.69 21.64 -4.28
CA TRP D 107 7.55 22.39 -3.02
C TRP D 107 7.71 23.90 -3.14
N ARG D 108 7.51 24.39 -4.37
CA ARG D 108 7.45 25.81 -4.69
C ARG D 108 5.99 26.27 -4.70
N PHE D 109 5.83 27.58 -4.58
CA PHE D 109 4.53 28.20 -4.58
C PHE D 109 3.82 28.04 -5.91
N LEU D 110 2.59 27.51 -5.85
CA LEU D 110 1.68 27.42 -7.00
C LEU D 110 0.63 28.51 -6.89
N ARG D 111 -0.05 28.56 -5.74
CA ARG D 111 -1.16 29.50 -5.54
C ARG D 111 -1.55 29.74 -4.07
N GLY D 112 -2.25 30.87 -3.85
CA GLY D 112 -2.90 31.18 -2.56
C GLY D 112 -4.34 31.71 -2.64
N TYR D 113 -5.03 31.68 -1.52
CA TYR D 113 -6.43 32.10 -1.50
C TYR D 113 -6.77 32.64 -0.12
N HIS D 114 -7.87 33.39 -0.11
CA HIS D 114 -8.37 34.05 1.06
C HIS D 114 -9.78 34.47 0.73
N GLN D 115 -10.72 34.02 1.52
CA GLN D 115 -12.12 34.19 1.22
C GLN D 115 -12.87 34.37 2.50
N TYR D 116 -13.82 35.28 2.50
CA TYR D 116 -14.57 35.65 3.67
C TYR D 116 -16.08 35.46 3.38
N ALA D 117 -16.81 34.90 4.35
CA ALA D 117 -18.26 34.71 4.26
C ALA D 117 -19.03 35.37 5.40
N TYR D 118 -20.23 35.85 5.08
CA TYR D 118 -21.18 36.28 6.08
C TYR D 118 -22.47 35.56 5.82
N ASP D 119 -23.08 35.11 6.91
CA ASP D 119 -24.19 34.16 6.91
C ASP D 119 -24.19 33.12 5.81
N GLY D 120 -23.00 32.58 5.56
CA GLY D 120 -22.80 31.48 4.65
C GLY D 120 -22.87 31.85 3.18
N LYS D 121 -22.67 33.13 2.86
CA LYS D 121 -22.67 33.60 1.48
C LYS D 121 -21.30 34.19 1.23
N ASP D 122 -20.76 34.05 0.03
CA ASP D 122 -19.53 34.78 -0.27
C ASP D 122 -19.80 36.24 0.03
N TYR D 123 -18.79 36.91 0.59
CA TYR D 123 -18.81 38.31 0.89
C TYR D 123 -17.70 38.99 0.08
N ILE D 124 -16.48 38.54 0.30
CA ILE D 124 -15.32 39.13 -0.40
C ILE D 124 -14.17 38.11 -0.59
N ALA D 125 -13.45 38.23 -1.67
CA ALA D 125 -12.35 37.31 -1.89
C ALA D 125 -11.24 37.91 -2.69
N LEU D 126 -10.03 37.56 -2.27
CA LEU D 126 -8.83 37.81 -3.02
C LEU D 126 -8.95 37.01 -4.28
N LYS D 127 -8.79 37.66 -5.42
CA LYS D 127 -8.75 36.95 -6.69
C LYS D 127 -7.52 36.01 -6.81
N GLU D 128 -7.35 35.36 -7.95
CA GLU D 128 -6.30 34.35 -8.05
C GLU D 128 -4.91 34.99 -8.12
N ASP D 129 -4.81 36.16 -8.76
CA ASP D 129 -3.55 36.88 -8.89
C ASP D 129 -3.03 37.44 -7.54
N LEU D 130 -3.92 37.46 -6.54
CA LEU D 130 -3.63 37.99 -5.19
C LEU D 130 -3.41 39.50 -5.19
N ARG D 131 -4.00 40.19 -6.17
CA ARG D 131 -3.90 41.64 -6.27
C ARG D 131 -5.27 42.35 -6.21
N SER D 132 -6.34 41.69 -6.67
CA SER D 132 -7.68 42.31 -6.72
C SER D 132 -8.66 41.52 -5.88
N TRP D 133 -9.89 42.04 -5.76
CA TRP D 133 -10.96 41.42 -4.98
C TRP D 133 -12.25 41.28 -5.73
N THR D 134 -12.95 40.17 -5.53
CA THR D 134 -14.37 40.02 -5.90
C THR D 134 -15.27 40.41 -4.73
N ALA D 135 -16.15 41.38 -4.95
CA ALA D 135 -17.01 41.88 -3.88
C ALA D 135 -18.41 41.54 -4.23
N ALA D 136 -19.06 40.80 -3.33
CA ALA D 136 -20.45 40.38 -3.48
C ALA D 136 -21.35 41.57 -3.86
N ASP D 137 -21.41 42.55 -2.96
CA ASP D 137 -22.46 43.53 -2.96
C ASP D 137 -22.00 44.90 -2.43
N MET D 138 -22.94 45.82 -2.30
CA MET D 138 -22.69 47.19 -1.82
C MET D 138 -21.87 47.21 -0.52
N ALA D 139 -22.25 46.38 0.44
CA ALA D 139 -21.50 46.29 1.69
C ALA D 139 -20.03 45.86 1.45
N ALA D 140 -19.86 44.65 0.89
CA ALA D 140 -18.57 44.18 0.43
C ALA D 140 -17.76 45.28 -0.29
N GLN D 141 -18.41 46.04 -1.18
CA GLN D 141 -17.75 47.17 -1.86
C GLN D 141 -17.13 48.21 -0.93
N THR D 142 -17.82 48.51 0.16
CA THR D 142 -17.26 49.44 1.13
C THR D 142 -15.97 48.86 1.66
N THR D 143 -15.95 47.54 1.78
CA THR D 143 -14.79 46.84 2.35
C THR D 143 -13.65 46.79 1.36
N LYS D 144 -13.95 46.29 0.16
CA LYS D 144 -13.05 46.37 -0.98
C LYS D 144 -12.26 47.67 -0.82
N HIS D 145 -12.97 48.79 -0.81
CA HIS D 145 -12.35 50.11 -0.75
C HIS D 145 -11.43 50.30 0.46
N LYS D 146 -11.95 50.07 1.65
CA LYS D 146 -11.11 50.11 2.86
C LYS D 146 -9.83 49.25 2.73
N TRP D 147 -10.00 48.05 2.16
CA TRP D 147 -8.95 47.06 2.11
C TRP D 147 -7.91 47.37 1.05
N GLU D 148 -8.28 48.23 0.12
CA GLU D 148 -7.37 48.70 -0.89
C GLU D 148 -6.53 49.79 -0.26
N ALA D 149 -7.24 50.68 0.45
CA ALA D 149 -6.61 51.82 1.10
C ALA D 149 -5.59 51.33 2.08
N ALA D 150 -5.89 50.23 2.76
CA ALA D 150 -4.96 49.66 3.70
C ALA D 150 -4.01 48.63 3.06
N HIS D 151 -4.06 48.43 1.74
CA HIS D 151 -3.12 47.52 1.08
C HIS D 151 -3.13 46.10 1.74
N VAL D 152 -4.30 45.61 2.06
CA VAL D 152 -4.38 44.24 2.58
C VAL D 152 -3.84 43.16 1.58
N ALA D 153 -4.39 43.13 0.36
CA ALA D 153 -3.98 42.20 -0.66
C ALA D 153 -2.49 42.08 -0.60
N GLU D 154 -1.84 43.23 -0.60
CA GLU D 154 -0.38 43.25 -0.63
C GLU D 154 0.14 42.48 0.58
N GLN D 155 -0.40 42.80 1.75
CA GLN D 155 -0.03 42.12 3.00
C GLN D 155 -0.27 40.64 2.89
N LEU D 156 -1.43 40.30 2.35
CA LEU D 156 -1.87 38.91 2.30
C LEU D 156 -1.02 38.14 1.30
N ARG D 157 -0.69 38.80 0.19
CA ARG D 157 0.22 38.19 -0.78
C ARG D 157 1.58 37.88 -0.16
N ALA D 158 2.08 38.80 0.66
CA ALA D 158 3.40 38.61 1.23
C ALA D 158 3.42 37.45 2.20
N TYR D 159 2.27 37.20 2.86
CA TYR D 159 2.20 36.08 3.76
C TYR D 159 2.13 34.83 2.94
N LEU D 160 1.21 34.80 1.99
CA LEU D 160 0.92 33.58 1.25
C LEU D 160 2.13 33.14 0.43
N GLU D 161 2.70 34.10 -0.29
CA GLU D 161 3.76 33.86 -1.23
C GLU D 161 5.06 33.69 -0.50
N GLY D 162 5.08 33.90 0.82
CA GLY D 162 6.33 33.88 1.59
C GLY D 162 6.30 32.90 2.72
N THR D 163 5.94 33.40 3.92
CA THR D 163 5.88 32.64 5.18
C THR D 163 5.08 31.36 5.11
N CYS D 164 3.98 31.42 4.37
CA CYS D 164 3.01 30.35 4.39
C CYS D 164 3.64 29.11 3.83
N VAL D 165 4.28 29.20 2.66
CA VAL D 165 5.02 28.07 2.08
C VAL D 165 6.24 27.64 2.89
N GLU D 166 6.89 28.58 3.60
CA GLU D 166 8.11 28.20 4.30
C GLU D 166 7.64 27.22 5.32
N TRP D 167 6.73 27.68 6.17
CA TRP D 167 6.22 26.86 7.24
C TRP D 167 5.64 25.54 6.73
N LEU D 168 4.95 25.59 5.58
CA LEU D 168 4.46 24.37 4.94
C LEU D 168 5.60 23.41 4.67
N ARG D 169 6.69 23.91 4.09
CA ARG D 169 7.79 23.03 3.73
C ARG D 169 8.59 22.64 4.96
N ARG D 170 8.49 23.38 6.04
CA ARG D 170 9.02 22.91 7.33
C ARG D 170 8.15 21.77 7.81
N TYR D 171 6.85 22.02 7.78
CA TYR D 171 5.88 21.08 8.31
C TYR D 171 5.95 19.73 7.59
N LEU D 172 6.28 19.75 6.30
CA LEU D 172 6.52 18.52 5.56
C LEU D 172 7.87 17.89 5.94
N GLU D 173 8.86 18.74 6.17
CA GLU D 173 10.16 18.29 6.69
C GLU D 173 9.93 17.52 7.99
N ASN D 174 9.17 18.12 8.90
CA ASN D 174 9.04 17.57 10.26
C ASN D 174 8.09 16.41 10.39
N GLY D 175 6.98 16.45 9.66
CA GLY D 175 5.91 15.46 9.81
C GLY D 175 6.03 14.24 8.92
N LYS D 176 7.01 14.25 8.01
CA LYS D 176 6.97 13.41 6.79
C LYS D 176 6.46 12.00 6.99
N GLU D 177 6.78 11.38 8.13
CA GLU D 177 6.23 10.05 8.46
C GLU D 177 4.77 10.03 8.08
N THR D 178 4.03 11.01 8.61
CA THR D 178 2.61 11.23 8.36
C THR D 178 2.33 11.84 7.00
N LEU D 179 2.87 13.03 6.78
CA LEU D 179 2.40 13.85 5.68
C LEU D 179 2.84 13.38 4.29
N GLN D 180 4.04 12.83 4.11
CA GLN D 180 4.49 12.46 2.76
C GLN D 180 4.12 10.99 2.41
N ARG D 181 3.35 10.37 3.29
CA ARG D 181 2.83 9.05 3.06
C ARG D 181 1.74 9.19 2.04
N THR D 182 1.66 8.22 1.15
CA THR D 182 0.45 7.96 0.44
C THR D 182 -0.07 6.67 1.05
N ASP D 183 -1.39 6.60 1.24
CA ASP D 183 -2.04 5.36 1.65
C ASP D 183 -3.01 4.95 0.57
N ALA D 184 -2.68 3.88 -0.15
CA ALA D 184 -3.55 3.38 -1.21
C ALA D 184 -4.76 2.77 -0.51
N PRO D 185 -5.92 2.67 -1.23
CA PRO D 185 -7.17 2.17 -0.61
C PRO D 185 -7.26 0.66 -0.50
N LYS D 186 -8.11 0.20 0.43
CA LYS D 186 -8.28 -1.22 0.62
C LYS D 186 -9.66 -1.50 0.10
N THR D 187 -9.70 -2.03 -1.11
CA THR D 187 -10.95 -2.19 -1.83
C THR D 187 -11.51 -3.54 -1.54
N HIS D 188 -12.81 -3.63 -1.81
CA HIS D 188 -13.58 -4.87 -1.75
C HIS D 188 -15.01 -4.56 -2.15
N MET D 189 -15.80 -5.59 -2.46
CA MET D 189 -17.13 -5.41 -3.02
C MET D 189 -18.17 -6.30 -2.33
N THR D 190 -19.36 -5.75 -2.04
CA THR D 190 -20.46 -6.61 -1.56
C THR D 190 -21.66 -6.68 -2.52
N HIS D 191 -22.38 -7.79 -2.41
CA HIS D 191 -23.53 -8.12 -3.21
C HIS D 191 -24.69 -8.38 -2.28
N HIS D 192 -25.90 -7.93 -2.59
CA HIS D 192 -27.09 -8.39 -1.84
C HIS D 192 -28.40 -8.35 -2.62
N ALA D 193 -29.28 -9.31 -2.36
CA ALA D 193 -30.60 -9.33 -3.00
C ALA D 193 -31.44 -8.11 -2.64
N VAL D 194 -31.99 -7.41 -3.64
CA VAL D 194 -33.03 -6.39 -3.39
C VAL D 194 -34.43 -6.88 -3.83
N SER D 195 -34.50 -8.10 -4.37
CA SER D 195 -35.75 -8.75 -4.75
C SER D 195 -35.34 -9.97 -5.59
N ASP D 196 -36.31 -10.66 -6.23
CA ASP D 196 -35.95 -11.82 -7.05
C ASP D 196 -35.48 -11.40 -8.43
N HIS D 197 -35.45 -10.10 -8.72
CA HIS D 197 -34.99 -9.66 -10.02
C HIS D 197 -33.89 -8.60 -9.99
N GLU D 198 -33.36 -8.27 -8.82
CA GLU D 198 -32.38 -7.20 -8.67
C GLU D 198 -31.49 -7.36 -7.45
N ALA D 199 -30.18 -7.16 -7.59
CA ALA D 199 -29.24 -7.17 -6.45
C ALA D 199 -28.49 -5.86 -6.34
N THR D 200 -28.02 -5.55 -5.13
CA THR D 200 -27.14 -4.41 -4.97
C THR D 200 -25.70 -4.87 -5.01
N LEU D 201 -24.83 -4.06 -5.62
CA LEU D 201 -23.39 -4.28 -5.63
C LEU D 201 -22.74 -3.04 -5.07
N ARG D 202 -22.03 -3.14 -3.94
CA ARG D 202 -21.34 -1.97 -3.30
C ARG D 202 -19.80 -2.12 -3.34
N CYS D 203 -19.16 -1.11 -3.92
CA CYS D 203 -17.73 -1.06 -4.14
C CYS D 203 -17.19 -0.12 -3.09
N TRP D 204 -16.18 -0.59 -2.36
CA TRP D 204 -15.64 0.14 -1.22
C TRP D 204 -14.21 0.59 -1.42
N ALA D 205 -13.86 1.64 -0.68
CA ALA D 205 -12.52 2.10 -0.54
C ALA D 205 -12.40 2.42 0.94
N LEU D 206 -11.50 1.72 1.63
CA LEU D 206 -11.20 1.98 3.02
C LEU D 206 -9.73 2.38 3.24
N SER D 207 -9.47 3.14 4.31
CA SER D 207 -8.09 3.48 4.74
C SER D 207 -7.18 4.17 3.72
N PHE D 208 -7.74 5.06 2.92
CA PHE D 208 -6.93 5.85 2.01
C PHE D 208 -6.57 7.27 2.56
N TYR D 209 -5.51 7.84 1.97
CA TYR D 209 -4.96 9.13 2.30
C TYR D 209 -4.03 9.48 1.14
N PRO D 210 -4.18 10.67 0.53
CA PRO D 210 -5.10 11.80 0.85
C PRO D 210 -6.57 11.49 0.55
N ALA D 211 -7.45 12.45 0.82
CA ALA D 211 -8.89 12.26 0.67
C ALA D 211 -9.38 12.15 -0.78
N GLU D 212 -8.67 12.76 -1.72
CA GLU D 212 -9.17 12.78 -3.08
C GLU D 212 -9.21 11.35 -3.56
N ILE D 213 -10.30 10.99 -4.22
CA ILE D 213 -10.46 9.68 -4.83
C ILE D 213 -11.64 9.76 -5.80
N THR D 214 -11.54 8.96 -6.86
CA THR D 214 -12.57 8.91 -7.89
C THR D 214 -12.96 7.46 -7.99
N LEU D 215 -14.24 7.16 -7.91
CA LEU D 215 -14.72 5.81 -8.11
C LEU D 215 -16.09 5.80 -8.76
N THR D 216 -16.31 4.81 -9.61
CA THR D 216 -17.14 4.98 -10.78
C THR D 216 -17.48 3.60 -11.28
N TRP D 217 -18.72 3.39 -11.68
CA TRP D 217 -19.16 2.09 -12.14
C TRP D 217 -19.23 2.05 -13.67
N GLN D 218 -18.99 0.90 -14.29
CA GLN D 218 -19.38 0.72 -15.69
C GLN D 218 -20.15 -0.59 -15.96
N ARG D 219 -20.98 -0.57 -17.01
CA ARG D 219 -21.80 -1.71 -17.39
C ARG D 219 -21.31 -2.18 -18.75
N ASP D 220 -20.73 -3.37 -18.76
CA ASP D 220 -19.88 -3.83 -19.86
C ASP D 220 -18.78 -2.79 -19.91
N GLY D 221 -18.67 -2.06 -21.02
CA GLY D 221 -17.79 -0.89 -21.06
C GLY D 221 -18.56 0.39 -20.77
N GLU D 222 -17.80 1.49 -20.72
CA GLU D 222 -18.36 2.83 -20.79
C GLU D 222 -19.20 3.27 -19.57
N ASP D 223 -19.69 4.51 -19.68
CA ASP D 223 -19.71 5.47 -18.59
C ASP D 223 -20.58 5.11 -17.38
N GLN D 224 -21.67 4.36 -17.55
CA GLN D 224 -22.72 4.18 -16.50
C GLN D 224 -22.97 5.34 -15.49
N THR D 225 -23.06 6.53 -16.07
CA THR D 225 -23.90 7.65 -15.63
C THR D 225 -24.92 7.26 -14.54
N GLN D 226 -25.92 6.49 -15.00
CA GLN D 226 -27.20 6.23 -14.31
C GLN D 226 -27.03 5.77 -12.87
N ASP D 227 -27.96 4.96 -12.38
CA ASP D 227 -28.29 5.03 -10.97
C ASP D 227 -27.34 4.16 -10.12
N THR D 228 -26.11 4.68 -10.14
CA THR D 228 -25.13 4.51 -9.10
C THR D 228 -25.52 5.47 -7.95
N GLU D 229 -25.24 5.02 -6.73
CA GLU D 229 -25.49 5.80 -5.54
C GLU D 229 -24.14 5.88 -4.83
N LEU D 230 -23.72 7.11 -4.53
CA LEU D 230 -22.34 7.44 -4.17
C LEU D 230 -22.36 8.31 -2.95
N VAL D 231 -21.51 8.05 -1.96
CA VAL D 231 -21.53 8.79 -0.71
C VAL D 231 -20.36 9.75 -0.61
N GLU D 232 -20.60 10.94 -0.07
CA GLU D 232 -19.50 11.84 0.04
C GLU D 232 -18.46 11.11 0.87
N THR D 233 -17.20 11.33 0.52
CA THR D 233 -16.08 10.71 1.22
C THR D 233 -16.14 11.11 2.68
N ARG D 234 -15.72 10.21 3.56
CA ARG D 234 -15.81 10.50 4.97
C ARG D 234 -14.55 10.15 5.75
N PRO D 235 -14.36 10.81 6.91
CA PRO D 235 -13.24 10.52 7.75
C PRO D 235 -13.43 9.21 8.46
N ALA D 236 -12.43 8.33 8.35
CA ALA D 236 -12.42 7.07 9.09
C ALA D 236 -12.30 7.35 10.58
N GLY D 237 -11.71 8.47 10.97
CA GLY D 237 -11.48 8.79 12.38
C GLY D 237 -10.01 8.71 12.77
N ASP D 238 -9.22 7.97 12.02
CA ASP D 238 -7.82 7.71 12.36
C ASP D 238 -6.94 8.28 11.25
N GLY D 239 -7.31 9.46 10.77
CA GLY D 239 -6.54 10.16 9.77
C GLY D 239 -6.62 9.58 8.36
N THR D 240 -7.40 8.51 8.17
CA THR D 240 -7.60 7.94 6.85
C THR D 240 -9.06 8.12 6.46
N PHE D 241 -9.35 7.85 5.19
CA PHE D 241 -10.70 8.05 4.63
C PHE D 241 -11.38 6.85 3.97
N GLN D 242 -12.69 6.96 3.84
CA GLN D 242 -13.51 5.85 3.39
C GLN D 242 -14.46 6.38 2.34
N LYS D 243 -14.89 5.49 1.43
CA LYS D 243 -15.94 5.83 0.45
C LYS D 243 -16.59 4.55 -0.11
N TRP D 244 -17.81 4.67 -0.61
CA TRP D 244 -18.39 3.61 -1.41
C TRP D 244 -19.29 4.08 -2.55
N ALA D 245 -19.46 3.23 -3.56
CA ALA D 245 -20.35 3.52 -4.73
C ALA D 245 -21.17 2.31 -4.95
N ALA D 246 -22.46 2.47 -5.19
CA ALA D 246 -23.37 1.33 -5.32
C ALA D 246 -24.14 1.41 -6.61
N VAL D 247 -24.62 0.26 -7.09
CA VAL D 247 -25.28 0.17 -8.39
C VAL D 247 -26.26 -0.99 -8.42
N VAL D 248 -27.56 -0.70 -8.48
CA VAL D 248 -28.58 -1.76 -8.47
C VAL D 248 -28.60 -2.44 -9.86
N VAL D 249 -28.41 -3.76 -9.86
CA VAL D 249 -28.20 -4.50 -11.10
C VAL D 249 -29.16 -5.67 -11.23
N PRO D 250 -29.56 -5.99 -12.49
CA PRO D 250 -30.47 -7.09 -12.62
C PRO D 250 -29.77 -8.37 -12.18
N SER D 251 -30.51 -9.19 -11.46
CA SER D 251 -30.00 -10.43 -10.93
C SER D 251 -29.43 -11.32 -12.00
N GLY D 252 -28.24 -11.86 -11.75
CA GLY D 252 -27.59 -12.70 -12.75
C GLY D 252 -26.92 -11.92 -13.85
N GLN D 253 -27.08 -10.60 -13.87
CA GLN D 253 -26.35 -9.72 -14.78
C GLN D 253 -25.15 -9.15 -14.01
N GLU D 254 -24.80 -9.81 -12.90
CA GLU D 254 -23.88 -9.25 -11.89
C GLU D 254 -22.48 -8.99 -12.44
N GLN D 255 -22.06 -9.82 -13.39
CA GLN D 255 -20.67 -9.85 -13.84
C GLN D 255 -20.41 -8.86 -14.93
N ARG D 256 -21.47 -8.34 -15.51
CA ARG D 256 -21.36 -7.30 -16.50
C ARG D 256 -20.74 -6.06 -15.90
N TYR D 257 -20.78 -5.95 -14.58
CA TYR D 257 -20.43 -4.70 -13.91
C TYR D 257 -19.05 -4.66 -13.28
N THR D 258 -18.45 -3.50 -13.41
CA THR D 258 -17.06 -3.34 -13.17
C THR D 258 -16.88 -1.97 -12.47
N CYS D 259 -16.23 -1.98 -11.30
CA CYS D 259 -15.97 -0.77 -10.52
C CYS D 259 -14.57 -0.26 -10.79
N HIS D 260 -14.38 1.05 -10.74
CA HIS D 260 -13.10 1.66 -11.10
C HIS D 260 -12.59 2.65 -10.07
N VAL D 261 -11.48 2.29 -9.44
CA VAL D 261 -10.85 3.09 -8.37
C VAL D 261 -9.56 3.77 -8.84
N GLN D 262 -9.56 5.10 -8.74
CA GLN D 262 -8.39 5.94 -8.98
C GLN D 262 -8.00 6.72 -7.71
N HIS D 263 -6.72 6.66 -7.37
CA HIS D 263 -6.16 7.32 -6.18
C HIS D 263 -4.67 7.48 -6.40
N GLU D 264 -4.07 8.54 -5.87
CA GLU D 264 -2.61 8.78 -6.07
C GLU D 264 -1.71 7.84 -5.24
N GLY D 265 -2.29 6.86 -4.55
CA GLY D 265 -1.52 5.82 -3.86
C GLY D 265 -1.52 4.47 -4.55
N LEU D 266 -2.22 4.38 -5.68
CA LEU D 266 -2.15 3.22 -6.51
C LEU D 266 -1.07 3.41 -7.55
N PRO D 267 -0.35 2.34 -7.87
CA PRO D 267 0.41 2.42 -9.11
C PRO D 267 -0.53 2.26 -10.29
N LYS D 268 -1.61 1.48 -10.09
CA LYS D 268 -2.53 1.02 -11.15
C LYS D 268 -4.00 1.27 -10.79
N PRO D 269 -4.74 2.00 -11.65
CA PRO D 269 -6.19 2.16 -11.39
C PRO D 269 -6.96 0.81 -11.27
N LEU D 270 -7.39 0.46 -10.06
CA LEU D 270 -8.02 -0.85 -9.84
C LEU D 270 -9.35 -1.01 -10.57
N THR D 271 -9.59 -2.20 -11.11
CA THR D 271 -10.85 -2.49 -11.79
C THR D 271 -11.54 -3.70 -11.19
N LEU D 272 -11.98 -3.61 -9.95
CA LEU D 272 -12.69 -4.71 -9.24
C LEU D 272 -13.92 -5.32 -9.96
N ARG D 273 -14.08 -6.64 -9.89
CA ARG D 273 -15.31 -7.32 -10.40
C ARG D 273 -15.94 -8.15 -9.28
N TRP D 274 -17.22 -8.47 -9.39
CA TRP D 274 -17.91 -9.20 -8.33
C TRP D 274 -17.42 -10.64 -8.26
N GLU D 275 -16.71 -10.93 -7.18
CA GLU D 275 -15.95 -12.16 -7.06
C GLU D 275 -16.70 -13.02 -6.05
N PRO D 276 -17.66 -13.86 -6.53
CA PRO D 276 -18.57 -14.55 -5.60
C PRO D 276 -17.94 -15.73 -4.83
N MET E 1 -30.18 35.31 4.25
CA MET E 1 -29.74 34.50 5.44
C MET E 1 -29.81 32.98 5.13
N ILE E 2 -28.79 32.45 4.47
CA ILE E 2 -28.85 31.09 3.92
C ILE E 2 -28.81 30.06 5.01
N GLN E 3 -29.71 29.07 4.95
CA GLN E 3 -29.67 27.89 5.85
C GLN E 3 -29.65 26.59 5.03
N ARG E 4 -28.83 25.62 5.45
CA ARG E 4 -28.80 24.35 4.77
C ARG E 4 -28.91 23.25 5.80
N THR E 5 -29.64 22.21 5.45
CA THR E 5 -29.87 21.11 6.36
C THR E 5 -28.77 20.09 6.17
N PRO E 6 -28.39 19.41 7.25
CA PRO E 6 -27.33 18.44 7.28
C PRO E 6 -27.54 17.16 6.52
N LYS E 7 -26.44 16.70 5.90
CA LYS E 7 -26.29 15.30 5.44
C LYS E 7 -25.76 14.50 6.65
N ILE E 8 -26.08 13.21 6.80
CA ILE E 8 -25.70 12.40 7.96
C ILE E 8 -25.26 11.01 7.52
N GLN E 9 -24.03 10.59 7.79
CA GLN E 9 -23.58 9.21 7.56
C GLN E 9 -23.17 8.60 8.91
N VAL E 10 -23.51 7.33 9.12
CA VAL E 10 -23.19 6.61 10.36
C VAL E 10 -22.57 5.30 10.03
N TYR E 11 -21.46 4.98 10.67
CA TYR E 11 -20.63 3.95 10.17
C TYR E 11 -19.48 3.72 11.09
N SER E 12 -18.87 2.55 11.04
CA SER E 12 -17.77 2.23 11.87
C SER E 12 -16.50 2.61 11.17
N ARG E 13 -15.46 2.69 11.98
CA ARG E 13 -14.14 3.11 11.58
C ARG E 13 -13.42 1.95 10.95
N HIS E 14 -13.59 0.78 11.53
CA HIS E 14 -13.02 -0.42 10.98
C HIS E 14 -14.15 -1.27 10.50
N PRO E 15 -13.91 -2.08 9.49
CA PRO E 15 -15.02 -2.91 9.07
C PRO E 15 -15.37 -3.79 10.25
N ALA E 16 -16.63 -3.72 10.63
CA ALA E 16 -17.15 -4.34 11.83
C ALA E 16 -16.96 -5.82 11.76
N GLU E 17 -16.33 -6.39 12.80
CA GLU E 17 -16.24 -7.85 13.01
C GLU E 17 -17.36 -8.24 13.95
N ASN E 18 -17.36 -7.67 15.12
CA ASN E 18 -18.46 -7.84 16.04
C ASN E 18 -18.13 -8.91 17.04
N GLY E 19 -18.47 -8.65 18.30
CA GLY E 19 -17.75 -9.22 19.40
C GLY E 19 -16.36 -8.59 19.49
N LYS E 20 -16.03 -7.74 18.52
CA LYS E 20 -14.73 -7.06 18.49
C LYS E 20 -14.87 -5.54 18.63
N SER E 21 -13.79 -4.89 19.04
CA SER E 21 -13.79 -3.49 19.47
C SER E 21 -13.64 -2.57 18.27
N ASN E 22 -14.41 -1.49 18.25
CA ASN E 22 -14.47 -0.62 17.08
C ASN E 22 -15.06 0.75 17.49
N PHE E 23 -15.08 1.73 16.57
CA PHE E 23 -15.55 3.07 16.87
C PHE E 23 -16.70 3.34 15.95
N LEU E 24 -17.76 3.92 16.49
CA LEU E 24 -18.91 4.25 15.72
C LEU E 24 -18.88 5.77 15.42
N ASN E 25 -18.99 6.10 14.13
CA ASN E 25 -18.95 7.44 13.64
C ASN E 25 -20.27 7.91 13.14
N CYS E 26 -20.65 9.10 13.60
CA CYS E 26 -21.72 9.85 12.99
C CYS E 26 -21.11 11.15 12.44
N TYR E 27 -20.99 11.22 11.11
CA TYR E 27 -20.41 12.34 10.38
C TYR E 27 -21.47 13.16 9.73
N VAL E 28 -21.72 14.34 10.31
CA VAL E 28 -22.66 15.27 9.73
C VAL E 28 -21.93 16.32 8.89
N SER E 29 -22.37 16.59 7.66
CA SER E 29 -21.80 17.65 6.85
C SER E 29 -22.82 18.41 6.03
N GLY E 30 -22.39 19.46 5.38
CA GLY E 30 -23.26 20.21 4.49
C GLY E 30 -24.28 21.12 5.13
N PHE E 31 -24.10 21.43 6.41
CA PHE E 31 -25.09 22.24 7.12
C PHE E 31 -24.65 23.65 7.48
N HIS E 32 -25.64 24.47 7.84
CA HIS E 32 -25.47 25.87 8.18
C HIS E 32 -26.78 26.37 8.69
N PRO E 33 -26.81 27.05 9.83
CA PRO E 33 -25.78 27.50 10.75
C PRO E 33 -25.03 26.40 11.44
N SER E 34 -23.98 26.79 12.13
CA SER E 34 -23.13 25.82 12.72
C SER E 34 -23.70 25.20 13.97
N ASP E 35 -24.75 25.73 14.59
CA ASP E 35 -25.18 25.15 15.88
C ASP E 35 -25.99 23.88 15.71
N ILE E 36 -25.36 22.74 15.99
CA ILE E 36 -26.01 21.44 15.84
C ILE E 36 -25.95 20.49 17.07
N GLU E 37 -26.97 19.63 17.21
CA GLU E 37 -27.01 18.57 18.23
C GLU E 37 -26.78 17.13 17.71
N VAL E 38 -26.00 16.33 18.44
CA VAL E 38 -25.67 15.02 17.93
C VAL E 38 -25.56 13.95 19.00
N ASP E 39 -26.31 12.88 18.79
CA ASP E 39 -26.43 11.79 19.74
C ASP E 39 -26.11 10.49 19.01
N LEU E 40 -25.31 9.62 19.61
CA LEU E 40 -25.16 8.26 19.09
C LEU E 40 -25.98 7.31 19.97
N LEU E 41 -26.68 6.34 19.34
CA LEU E 41 -27.67 5.53 20.07
C LEU E 41 -27.34 4.05 20.03
N LYS E 42 -27.76 3.34 21.08
CA LYS E 42 -27.65 1.91 21.22
C LYS E 42 -28.94 1.39 21.84
N ASN E 43 -29.67 0.59 21.07
CA ASN E 43 -30.99 0.09 21.42
C ASN E 43 -31.88 1.21 21.86
N GLY E 44 -31.80 2.33 21.18
CA GLY E 44 -32.64 3.52 21.45
C GLY E 44 -32.06 4.55 22.41
N GLU E 45 -31.39 4.06 23.44
CA GLU E 45 -30.93 4.87 24.56
C GLU E 45 -29.55 5.41 24.19
N ARG E 46 -29.19 6.64 24.60
CA ARG E 46 -27.93 7.25 24.09
C ARG E 46 -26.61 6.85 24.83
N ILE E 47 -25.48 6.95 24.13
CA ILE E 47 -24.19 6.41 24.61
C ILE E 47 -23.38 7.45 25.41
N GLU E 48 -22.48 6.97 26.25
CA GLU E 48 -22.06 7.72 27.41
C GLU E 48 -20.82 8.61 27.21
N LYS E 49 -19.92 8.25 26.29
CA LYS E 49 -18.63 8.94 26.23
C LYS E 49 -18.36 9.30 24.78
N VAL E 50 -19.27 10.07 24.18
CA VAL E 50 -19.11 10.53 22.80
C VAL E 50 -18.13 11.71 22.76
N GLU E 51 -17.25 11.73 21.78
CA GLU E 51 -16.31 12.81 21.60
C GLU E 51 -16.59 13.36 20.21
N HIS E 52 -16.01 14.50 19.85
CA HIS E 52 -16.08 14.95 18.48
C HIS E 52 -14.95 15.83 18.03
N SER E 53 -14.91 16.07 16.74
CA SER E 53 -13.87 16.86 16.14
C SER E 53 -14.18 18.37 16.17
N ASP E 54 -13.14 19.12 15.87
CA ASP E 54 -13.18 20.53 15.84
C ASP E 54 -13.91 21.03 14.62
N LEU E 55 -14.77 22.01 14.82
CA LEU E 55 -15.70 22.44 13.77
C LEU E 55 -14.97 23.08 12.62
N SER E 56 -15.17 22.59 11.41
CA SER E 56 -14.48 23.14 10.23
C SER E 56 -15.51 23.26 9.08
N PHE E 57 -15.08 23.65 7.89
CA PHE E 57 -16.07 23.86 6.83
C PHE E 57 -15.50 23.69 5.44
N SER E 58 -16.43 23.47 4.52
CA SER E 58 -16.07 23.17 3.16
C SER E 58 -15.99 24.41 2.32
N LYS E 59 -15.65 24.20 1.06
CA LYS E 59 -15.40 25.26 0.08
C LYS E 59 -16.67 26.08 -0.13
N ASP E 60 -17.82 25.43 -0.11
CA ASP E 60 -19.11 26.12 -0.13
C ASP E 60 -19.55 26.70 1.24
N TRP E 61 -18.64 26.79 2.19
CA TRP E 61 -18.93 27.39 3.51
C TRP E 61 -19.75 26.56 4.49
N SER E 62 -19.97 25.30 4.20
CA SER E 62 -20.86 24.55 5.07
C SER E 62 -20.01 23.65 5.94
N PHE E 63 -20.60 23.28 7.06
CA PHE E 63 -19.84 22.81 8.21
C PHE E 63 -19.95 21.36 8.32
N TYR E 64 -18.86 20.75 8.79
CA TYR E 64 -18.80 19.33 8.97
C TYR E 64 -18.14 19.00 10.30
N LEU E 65 -18.72 18.01 10.96
CA LEU E 65 -18.29 17.62 12.28
C LEU E 65 -18.29 16.12 12.23
N LEU E 66 -17.32 15.47 12.90
CA LEU E 66 -17.40 14.00 13.14
C LEU E 66 -17.64 13.62 14.59
N TYR E 67 -18.71 12.90 14.88
CA TYR E 67 -18.89 12.41 16.26
C TYR E 67 -18.47 10.97 16.37
N TYR E 68 -17.83 10.56 17.46
CA TYR E 68 -17.37 9.18 17.51
C TYR E 68 -17.38 8.58 18.87
N THR E 69 -17.38 7.27 18.93
CA THR E 69 -17.22 6.58 20.22
C THR E 69 -16.94 5.10 20.08
N GLU E 70 -16.29 4.56 21.11
CA GLU E 70 -15.98 3.15 21.19
C GLU E 70 -17.28 2.38 21.37
N PHE E 71 -17.38 1.24 20.66
CA PHE E 71 -18.52 0.31 20.75
C PHE E 71 -18.14 -1.07 20.20
N THR E 72 -18.61 -2.13 20.87
CA THR E 72 -18.39 -3.53 20.42
C THR E 72 -19.66 -4.03 19.77
N PRO E 73 -19.68 -4.03 18.44
CA PRO E 73 -20.84 -4.49 17.66
C PRO E 73 -21.21 -5.97 17.87
N THR E 74 -22.45 -6.29 17.56
CA THR E 74 -22.98 -7.64 17.70
C THR E 74 -23.98 -7.89 16.61
N GLU E 75 -24.48 -9.11 16.56
CA GLU E 75 -25.59 -9.40 15.67
C GLU E 75 -26.83 -8.57 15.97
N LYS E 76 -27.25 -8.53 17.24
CA LYS E 76 -28.59 -8.09 17.64
C LYS E 76 -28.71 -6.63 18.11
N ASP E 77 -27.69 -6.10 18.77
CA ASP E 77 -27.79 -4.72 19.25
C ASP E 77 -27.95 -3.78 18.06
N GLU E 78 -28.64 -2.65 18.25
CA GLU E 78 -28.94 -1.68 17.16
C GLU E 78 -28.25 -0.36 17.47
N TYR E 79 -27.64 0.26 16.46
CA TYR E 79 -27.00 1.54 16.68
C TYR E 79 -27.56 2.60 15.69
N ALA E 80 -27.61 3.85 16.16
CA ALA E 80 -28.14 4.97 15.41
C ALA E 80 -27.34 6.20 15.66
N CYS E 81 -27.41 7.12 14.74
CA CYS E 81 -26.93 8.45 14.98
C CYS E 81 -28.21 9.22 15.13
N ARG E 82 -28.23 10.34 15.86
CA ARG E 82 -29.45 11.16 15.89
C ARG E 82 -29.19 12.66 15.98
N VAL E 83 -29.93 13.46 15.19
CA VAL E 83 -29.49 14.79 14.82
C VAL E 83 -30.57 15.86 14.82
N ASN E 84 -30.32 16.98 15.50
CA ASN E 84 -31.26 18.11 15.48
C ASN E 84 -30.53 19.39 15.11
N HIS E 85 -31.25 20.33 14.54
CA HIS E 85 -30.64 21.45 13.84
C HIS E 85 -31.76 22.34 13.37
N VAL E 86 -31.57 23.66 13.36
CA VAL E 86 -32.67 24.61 13.04
C VAL E 86 -33.52 24.22 11.82
N THR E 87 -33.01 23.41 10.89
CA THR E 87 -33.70 23.13 9.63
C THR E 87 -34.62 21.90 9.65
N LEU E 88 -34.56 21.14 10.74
CA LEU E 88 -35.38 19.96 10.96
C LEU E 88 -36.50 20.31 11.92
N SER E 89 -37.74 19.97 11.56
CA SER E 89 -38.91 20.22 12.41
C SER E 89 -39.06 19.16 13.48
N GLN E 90 -38.00 18.41 13.72
CA GLN E 90 -38.11 17.04 14.24
C GLN E 90 -36.69 16.44 14.13
N PRO E 91 -36.14 15.89 15.23
CA PRO E 91 -34.86 15.22 15.10
C PRO E 91 -34.84 14.10 14.06
N LYS E 92 -33.65 13.83 13.51
CA LYS E 92 -33.44 12.83 12.49
C LYS E 92 -32.50 11.69 12.88
N ILE E 93 -33.01 10.47 12.71
CA ILE E 93 -32.36 9.30 13.21
C ILE E 93 -31.97 8.38 12.09
N VAL E 94 -30.68 8.22 11.89
CA VAL E 94 -30.18 7.28 10.92
C VAL E 94 -29.65 6.04 11.61
N LYS E 95 -30.07 4.88 11.15
CA LYS E 95 -29.71 3.63 11.79
C LYS E 95 -28.41 3.25 11.16
N TRP E 96 -27.56 2.58 11.93
CA TRP E 96 -26.32 2.13 11.39
C TRP E 96 -26.55 0.81 10.66
N ASP E 97 -25.73 0.54 9.66
CA ASP E 97 -25.78 -0.65 8.83
C ASP E 97 -24.32 -0.91 8.49
N ARG E 98 -23.87 -2.12 8.78
CA ARG E 98 -22.47 -2.48 8.74
C ARG E 98 -21.92 -2.46 7.31
N ASP E 99 -22.80 -2.60 6.32
CA ASP E 99 -22.37 -2.45 4.92
C ASP E 99 -22.85 -1.12 4.34
N MET E 100 -22.88 -0.08 5.17
CA MET E 100 -23.04 1.27 4.68
C MET E 100 -22.17 2.19 5.46
N PHE F 1 1.66 27.85 10.77
CA PHE F 1 1.92 29.27 11.17
C PHE F 1 0.86 30.19 10.55
N ALA F 2 -0.06 30.70 11.37
CA ALA F 2 -1.07 31.64 10.88
C ALA F 2 -0.43 32.98 10.58
N THR F 3 -1.04 33.73 9.70
CA THR F 3 -0.57 35.08 9.41
C THR F 3 -0.72 36.08 10.57
N GLY F 4 0.30 36.92 10.68
CA GLY F 4 0.26 38.12 11.53
C GLY F 4 -0.14 39.41 10.82
N ILE F 5 -0.35 39.35 9.52
CA ILE F 5 -0.68 40.52 8.75
C ILE F 5 -1.80 40.19 7.77
N GLY F 6 -2.60 41.20 7.44
CA GLY F 6 -3.58 41.05 6.37
C GLY F 6 -4.96 40.87 6.93
N ILE F 7 -5.06 40.88 8.27
CA ILE F 7 -6.35 40.72 8.96
C ILE F 7 -6.79 42.01 9.65
N ILE F 8 -7.84 42.62 9.11
CA ILE F 8 -8.29 43.92 9.56
C ILE F 8 -9.80 44.07 9.39
N THR F 9 -10.44 44.82 10.31
CA THR F 9 -11.88 45.01 10.26
C THR F 9 -12.37 45.30 8.83
N VAL F 10 -13.60 44.87 8.53
CA VAL F 10 -14.23 45.05 7.21
C VAL F 10 -15.04 46.37 7.12
#